data_1U0F
#
_entry.id   1U0F
#
_cell.length_a   69.400
_cell.length_b   116.800
_cell.length_c   73.900
_cell.angle_alpha   90.00
_cell.angle_beta   101.60
_cell.angle_gamma   90.00
#
_symmetry.space_group_name_H-M   'P 1 21 1'
#
loop_
_entity.id
_entity.type
_entity.pdbx_description
1 polymer 'Glucose-6-phosphate isomerase'
2 non-polymer 6-O-phosphono-alpha-D-glucopyranose
3 non-polymer GLUCOSE-6-PHOSPHATE
4 non-polymer 'SULFATE ION'
5 non-polymer GLYCEROL
6 non-polymer BETA-MERCAPTOETHANOL
7 water water
#
_entity_poly.entity_id   1
_entity_poly.type   'polypeptide(L)'
_entity_poly.pdbx_seq_one_letter_code
;MAALTRNPQFQKLLEWHRANSANLKLRELFEADPERFNNFSLNLNTNHGHILVDYSKNLVNKEVMQMLVELAKSRGVEAA
RDNMFSGSKINYTEDRAVLHVALRNRSNTPIKVDGKDVMPEVNRVLDKMKSFCQRVRSGDWKGYTGKSITDIINIGIGGS
DLGPLMVTEALKPYSKGGPRVWFVSNIDGTHIAKTLASLSPETSLFIIASKTFTTQETITNAETAKEWFLEAAKDPSAVA
KHFVALSTNTAKVKEFGIDPQNMLEFWDWVGGRYSLWSAIGLSIALHVGFDHFEQLLSGAHWMDQHFLKTPLEKNAPVLL
ALLGIWYINCYGCETHALLPYDQYMHRFAAYFQQGDMESNGKYITKSGARVDHQTGPIVWGEPGTNGQHAFYQLIHQGTK
MIPCDFLIPVQTQHPIRKGLHHKILLANFLAQTEALMKGKLPEEARKELQAAGKSPEDLEKLLPHKVFEGNRPTNSIVFT
KLTPFILGALIAMYEHKIFVQGIMWDINSFDQWGVELGKQLAKKIEPELEGSSAVTSHDSSTNGLISFIKQQRDTKLEHH
HHHH
;
_entity_poly.pdbx_strand_id   A,B
#
# COMPACT_ATOMS: atom_id res chain seq x y z
N ALA A 2 -27.18 18.76 3.81
CA ALA A 2 -26.10 18.55 2.79
C ALA A 2 -26.71 18.53 1.40
N ALA A 3 -26.06 19.21 0.47
CA ALA A 3 -26.59 19.44 -0.87
C ALA A 3 -26.90 18.16 -1.67
N LEU A 4 -26.05 17.14 -1.55
CA LEU A 4 -26.26 15.90 -2.31
C LEU A 4 -27.54 15.17 -1.92
N THR A 5 -27.76 14.98 -0.63
CA THR A 5 -28.88 14.15 -0.19
C THR A 5 -30.20 14.89 -0.35
N ARG A 6 -30.14 16.22 -0.43
CA ARG A 6 -31.33 17.06 -0.69
C ARG A 6 -31.67 17.15 -2.18
N ASN A 7 -30.74 16.71 -3.03
CA ASN A 7 -30.91 16.78 -4.47
C ASN A 7 -31.90 15.73 -4.99
N PRO A 8 -32.93 16.15 -5.75
CA PRO A 8 -33.98 15.23 -6.19
C PRO A 8 -33.48 14.15 -7.16
N GLN A 9 -32.49 14.48 -7.98
CA GLN A 9 -31.89 13.50 -8.90
C GLN A 9 -31.16 12.41 -8.14
N PHE A 10 -30.54 12.78 -7.02
CA PHE A 10 -29.88 11.79 -6.16
C PHE A 10 -30.89 10.86 -5.49
N GLN A 11 -31.97 11.43 -4.95
CA GLN A 11 -33.01 10.62 -4.31
C GLN A 11 -33.63 9.59 -5.27
N LYS A 12 -33.81 10.00 -6.53
CA LYS A 12 -34.28 9.13 -7.60
C LYS A 12 -33.32 7.96 -7.80
N LEU A 13 -32.03 8.27 -7.91
CA LEU A 13 -31.00 7.26 -8.09
C LEU A 13 -31.02 6.26 -6.91
N LEU A 14 -31.07 6.78 -5.70
CA LEU A 14 -31.09 5.95 -4.51
C LEU A 14 -32.33 5.04 -4.48
N GLU A 15 -33.49 5.60 -4.79
CA GLU A 15 -34.74 4.85 -4.84
C GLU A 15 -34.70 3.72 -5.88
N TRP A 16 -34.18 4.04 -7.07
CA TRP A 16 -33.97 3.04 -8.13
C TRP A 16 -33.06 1.93 -7.64
N HIS A 17 -31.93 2.31 -7.03
CA HIS A 17 -31.00 1.34 -6.46
C HIS A 17 -31.68 0.40 -5.47
N ARG A 18 -32.48 0.97 -4.56
CA ARG A 18 -33.27 0.19 -3.60
C ARG A 18 -34.19 -0.82 -4.31
N ALA A 19 -34.89 -0.37 -5.33
CA ALA A 19 -35.91 -1.19 -6.01
C ALA A 19 -35.33 -2.24 -6.96
N ASN A 20 -34.19 -1.94 -7.58
CA ASN A 20 -33.73 -2.71 -8.74
C ASN A 20 -32.33 -3.30 -8.70
N SER A 21 -31.45 -2.73 -7.87
CA SER A 21 -30.02 -3.10 -7.93
C SER A 21 -29.75 -4.59 -7.69
N ALA A 22 -30.57 -5.22 -6.85
CA ALA A 22 -30.46 -6.66 -6.58
C ALA A 22 -30.65 -7.53 -7.83
N ASN A 23 -31.29 -6.97 -8.85
CA ASN A 23 -31.59 -7.70 -10.09
C ASN A 23 -30.48 -7.61 -11.14
N LEU A 24 -29.47 -6.77 -10.88
CA LEU A 24 -28.35 -6.59 -11.80
C LEU A 24 -27.35 -7.72 -11.64
N LYS A 25 -27.13 -8.46 -12.72
CA LYS A 25 -26.23 -9.59 -12.74
C LYS A 25 -25.35 -9.46 -13.97
N LEU A 26 -24.05 -9.27 -13.75
CA LEU A 26 -23.13 -8.99 -14.85
C LEU A 26 -23.14 -10.07 -15.93
N ARG A 27 -23.13 -11.34 -15.52
CA ARG A 27 -23.18 -12.46 -16.47
C ARG A 27 -24.36 -12.31 -17.43
N GLU A 28 -25.50 -11.97 -16.86
CA GLU A 28 -26.74 -11.84 -17.61
C GLU A 28 -26.78 -10.56 -18.44
N LEU A 29 -26.17 -9.47 -17.94
CA LEU A 29 -26.11 -8.23 -18.71
C LEU A 29 -25.32 -8.43 -20.01
N PHE A 30 -24.23 -9.18 -19.92
CA PHE A 30 -23.43 -9.48 -21.11
C PHE A 30 -24.13 -10.45 -22.07
N GLU A 31 -24.79 -11.48 -21.54
CA GLU A 31 -25.52 -12.43 -22.40
C GLU A 31 -26.63 -11.74 -23.20
N ALA A 32 -27.31 -10.79 -22.58
CA ALA A 32 -28.49 -10.15 -23.18
C ALA A 32 -28.15 -9.09 -24.20
N ASP A 33 -26.89 -8.66 -24.21
CA ASP A 33 -26.52 -7.48 -24.97
C ASP A 33 -25.13 -7.64 -25.61
N PRO A 34 -25.08 -8.14 -26.85
CA PRO A 34 -23.81 -8.32 -27.58
C PRO A 34 -23.04 -7.02 -27.80
N GLU A 35 -23.72 -5.89 -27.70
CA GLU A 35 -23.13 -4.56 -27.91
C GLU A 35 -22.65 -3.91 -26.60
N ARG A 36 -22.67 -4.66 -25.49
CA ARG A 36 -22.39 -4.07 -24.18
C ARG A 36 -21.00 -3.40 -24.11
N PHE A 37 -19.94 -4.10 -24.54
CA PHE A 37 -18.61 -3.46 -24.57
C PHE A 37 -18.62 -2.18 -25.40
N ASN A 38 -19.16 -2.26 -26.62
CA ASN A 38 -19.22 -1.12 -27.52
C ASN A 38 -19.89 0.12 -26.92
N ASN A 39 -20.93 -0.11 -26.13
CA ASN A 39 -21.75 0.95 -25.59
C ASN A 39 -21.32 1.46 -24.22
N PHE A 40 -20.44 0.70 -23.56
CA PHE A 40 -19.98 1.07 -22.21
C PHE A 40 -18.44 1.16 -22.14
N SER A 41 -17.85 1.72 -23.19
CA SER A 41 -16.40 1.96 -23.24
C SER A 41 -16.11 3.23 -24.03
N LEU A 42 -14.94 3.82 -23.74
CA LEU A 42 -14.47 4.99 -24.47
C LEU A 42 -13.07 4.72 -25.00
N ASN A 43 -12.89 4.93 -26.31
CA ASN A 43 -11.59 4.70 -26.95
C ASN A 43 -11.05 6.06 -27.37
N LEU A 44 -10.13 6.60 -26.56
CA LEU A 44 -9.62 7.95 -26.77
C LEU A 44 -8.35 7.92 -27.60
N ASN A 45 -8.38 8.61 -28.74
CA ASN A 45 -7.20 8.77 -29.58
C ASN A 45 -6.56 10.12 -29.28
N THR A 46 -5.40 10.08 -28.62
CA THR A 46 -4.67 11.30 -28.24
C THR A 46 -3.75 11.82 -29.33
N ASN A 47 -3.61 11.03 -30.40
CA ASN A 47 -2.62 11.27 -31.47
C ASN A 47 -1.19 10.95 -31.05
N HIS A 48 -1.05 10.51 -29.80
CA HIS A 48 0.22 9.97 -29.32
C HIS A 48 -0.03 8.67 -28.55
N GLY A 49 -0.95 7.87 -29.06
CA GLY A 49 -1.36 6.64 -28.40
C GLY A 49 -2.84 6.69 -28.05
N HIS A 50 -3.41 5.52 -27.81
CA HIS A 50 -4.82 5.42 -27.44
C HIS A 50 -4.95 5.05 -25.96
N ILE A 51 -5.99 5.58 -25.33
CA ILE A 51 -6.40 5.13 -23.98
C ILE A 51 -7.83 4.62 -24.08
N LEU A 52 -7.99 3.33 -23.79
CA LEU A 52 -9.31 2.70 -23.73
C LEU A 52 -9.78 2.60 -22.29
N VAL A 53 -10.89 3.28 -22.00
CA VAL A 53 -11.53 3.19 -20.68
C VAL A 53 -12.77 2.28 -20.79
N ASP A 54 -12.62 1.03 -20.37
CA ASP A 54 -13.69 0.05 -20.53
C ASP A 54 -14.37 -0.08 -19.18
N TYR A 55 -15.60 0.45 -19.11
CA TYR A 55 -16.39 0.42 -17.88
C TYR A 55 -17.61 -0.52 -17.98
N SER A 56 -17.54 -1.44 -18.93
CA SER A 56 -18.65 -2.39 -19.17
C SER A 56 -18.86 -3.45 -18.10
N LYS A 57 -17.81 -3.81 -17.35
CA LYS A 57 -17.95 -4.80 -16.29
C LYS A 57 -18.39 -4.13 -14.97
N ASN A 58 -19.20 -3.09 -15.07
CA ASN A 58 -19.80 -2.44 -13.90
C ASN A 58 -21.29 -2.75 -13.78
N LEU A 59 -21.78 -2.69 -12.53
CA LEU A 59 -23.18 -3.00 -12.23
C LEU A 59 -24.09 -1.83 -12.62
N VAL A 60 -24.18 -1.61 -13.94
CA VAL A 60 -24.92 -0.49 -14.51
C VAL A 60 -25.61 -0.91 -15.80
N ASN A 61 -26.64 -0.16 -16.16
CA ASN A 61 -27.26 -0.24 -17.48
C ASN A 61 -27.46 1.17 -18.05
N LYS A 62 -28.12 1.26 -19.21
CA LYS A 62 -28.40 2.55 -19.85
C LYS A 62 -29.11 3.53 -18.90
N GLU A 63 -30.14 3.05 -18.20
CA GLU A 63 -30.94 3.87 -17.27
C GLU A 63 -30.08 4.45 -16.14
N VAL A 64 -29.23 3.60 -15.55
CA VAL A 64 -28.38 4.02 -14.45
C VAL A 64 -27.41 5.13 -14.90
N MET A 65 -26.79 4.94 -16.07
CA MET A 65 -25.87 5.94 -16.59
C MET A 65 -26.55 7.27 -16.88
N GLN A 66 -27.77 7.21 -17.44
CA GLN A 66 -28.58 8.42 -17.63
C GLN A 66 -28.88 9.15 -16.30
N MET A 67 -29.33 8.41 -15.30
CA MET A 67 -29.58 8.99 -13.98
C MET A 67 -28.32 9.62 -13.37
N LEU A 68 -27.18 8.96 -13.57
CA LEU A 68 -25.92 9.48 -13.02
C LEU A 68 -25.47 10.76 -13.71
N VAL A 69 -25.55 10.78 -15.03
CA VAL A 69 -25.28 11.97 -15.81
C VAL A 69 -26.21 13.14 -15.46
N GLU A 70 -27.51 12.87 -15.29
CA GLU A 70 -28.44 13.92 -14.84
C GLU A 70 -28.03 14.47 -13.49
N LEU A 71 -27.57 13.60 -12.59
CA LEU A 71 -27.09 14.03 -11.29
C LEU A 71 -25.90 14.99 -11.39
N ALA A 72 -24.92 14.65 -12.23
CA ALA A 72 -23.79 15.55 -12.47
C ALA A 72 -24.24 16.92 -12.97
N LYS A 73 -25.20 16.92 -13.90
CA LYS A 73 -25.76 18.16 -14.40
C LYS A 73 -26.45 18.94 -13.29
N SER A 74 -27.25 18.25 -12.47
CA SER A 74 -27.99 18.91 -11.39
C SER A 74 -27.08 19.41 -10.24
N ARG A 75 -25.90 18.82 -10.12
CA ARG A 75 -24.94 19.24 -9.10
C ARG A 75 -24.00 20.35 -9.60
N GLY A 76 -24.18 20.78 -10.86
CA GLY A 76 -23.41 21.89 -11.41
C GLY A 76 -21.95 21.62 -11.72
N VAL A 77 -21.66 20.40 -12.17
CA VAL A 77 -20.28 19.98 -12.45
C VAL A 77 -19.63 20.80 -13.56
N GLU A 78 -20.37 21.09 -14.63
CA GLU A 78 -19.81 21.86 -15.75
C GLU A 78 -19.42 23.28 -15.37
N ALA A 79 -20.30 23.99 -14.65
CA ALA A 79 -19.97 25.33 -14.22
C ALA A 79 -18.80 25.35 -13.24
N ALA A 80 -18.73 24.36 -12.34
CA ALA A 80 -17.65 24.30 -11.37
C ALA A 80 -16.31 24.09 -12.08
N ARG A 81 -16.32 23.20 -13.07
CA ARG A 81 -15.15 22.93 -13.89
C ARG A 81 -14.66 24.20 -14.61
N ASP A 82 -15.58 24.89 -15.28
CA ASP A 82 -15.23 26.11 -15.99
C ASP A 82 -14.63 27.17 -15.06
N ASN A 83 -15.17 27.25 -13.84
CA ASN A 83 -14.64 28.15 -12.82
C ASN A 83 -13.21 27.77 -12.38
N MET A 84 -12.93 26.48 -12.23
CA MET A 84 -11.55 26.06 -11.97
C MET A 84 -10.60 26.55 -13.09
N PHE A 85 -10.95 26.25 -14.33
CA PHE A 85 -10.07 26.52 -15.46
C PHE A 85 -9.86 28.02 -15.69
N SER A 86 -10.83 28.82 -15.28
CA SER A 86 -10.75 30.27 -15.50
C SER A 86 -10.09 31.05 -14.34
N GLY A 87 -9.68 30.35 -13.28
CA GLY A 87 -8.97 30.99 -12.20
C GLY A 87 -9.84 31.59 -11.10
N SER A 88 -11.11 31.19 -11.06
CA SER A 88 -11.97 31.54 -9.92
C SER A 88 -11.44 30.92 -8.63
N LYS A 89 -11.70 31.59 -7.50
CA LYS A 89 -11.12 31.17 -6.22
C LYS A 89 -11.97 30.09 -5.54
N ILE A 90 -11.97 28.91 -6.15
CA ILE A 90 -12.90 27.82 -5.78
C ILE A 90 -12.46 27.06 -4.52
N ASN A 91 -11.19 27.24 -4.13
CA ASN A 91 -10.71 26.82 -2.80
C ASN A 91 -11.23 27.86 -1.82
N TYR A 92 -12.50 27.71 -1.43
CA TYR A 92 -13.23 28.76 -0.72
C TYR A 92 -12.85 28.91 0.76
N THR A 93 -12.35 27.86 1.40
CA THR A 93 -11.92 28.02 2.78
C THR A 93 -10.60 28.78 2.90
N GLU A 94 -9.74 28.70 1.88
CA GLU A 94 -8.44 29.37 1.90
C GLU A 94 -8.43 30.61 1.00
N ASP A 95 -9.55 30.79 0.28
CA ASP A 95 -9.74 31.87 -0.71
C ASP A 95 -8.59 31.90 -1.73
N ARG A 96 -8.42 30.77 -2.42
CA ARG A 96 -7.37 30.61 -3.42
C ARG A 96 -7.93 30.07 -4.71
N ALA A 97 -7.27 30.40 -5.82
CA ALA A 97 -7.53 29.71 -7.08
C ALA A 97 -6.99 28.27 -7.00
N VAL A 98 -7.39 27.48 -7.99
CA VAL A 98 -6.95 26.09 -8.09
C VAL A 98 -6.50 25.88 -9.53
N LEU A 99 -5.18 25.95 -9.75
CA LEU A 99 -4.68 26.09 -11.11
C LEU A 99 -3.52 25.18 -11.49
N HIS A 100 -3.57 23.93 -11.03
CA HIS A 100 -2.63 22.95 -11.61
C HIS A 100 -2.80 22.86 -13.14
N VAL A 101 -4.00 23.12 -13.66
CA VAL A 101 -4.18 23.10 -15.12
C VAL A 101 -3.36 24.21 -15.81
N ALA A 102 -3.09 25.29 -15.10
CA ALA A 102 -2.23 26.35 -15.68
C ALA A 102 -0.79 25.89 -15.88
N LEU A 103 -0.30 25.07 -14.95
CA LEU A 103 1.09 24.59 -14.98
C LEU A 103 1.46 23.87 -16.27
N ARG A 104 0.48 23.15 -16.84
CA ARG A 104 0.66 22.38 -18.06
C ARG A 104 -0.11 22.95 -19.25
N ASN A 105 -0.46 24.24 -19.18
CA ASN A 105 -1.28 24.88 -20.22
C ASN A 105 -0.41 25.19 -21.44
N ARG A 106 -0.19 24.17 -22.27
CA ARG A 106 0.73 24.25 -23.41
C ARG A 106 0.25 25.26 -24.46
N SER A 107 -1.06 25.43 -24.54
CA SER A 107 -1.70 26.39 -25.45
C SER A 107 -1.38 27.85 -25.16
N ASN A 108 -1.00 28.12 -23.91
CA ASN A 108 -0.68 29.46 -23.40
C ASN A 108 -1.82 30.48 -23.44
N THR A 109 -3.06 30.00 -23.58
CA THR A 109 -4.23 30.85 -23.43
C THR A 109 -4.22 31.48 -22.02
N PRO A 110 -4.48 32.79 -21.92
CA PRO A 110 -4.38 33.49 -20.63
C PRO A 110 -5.30 32.91 -19.57
N ILE A 111 -4.77 32.79 -18.35
CA ILE A 111 -5.57 32.40 -17.19
C ILE A 111 -5.27 33.42 -16.11
N LYS A 112 -6.30 34.15 -15.73
CA LYS A 112 -6.12 35.29 -14.83
C LYS A 112 -6.45 34.98 -13.38
N VAL A 113 -5.57 35.41 -12.49
CA VAL A 113 -5.86 35.46 -11.05
C VAL A 113 -5.66 36.90 -10.59
N ASP A 114 -6.70 37.48 -10.00
CA ASP A 114 -6.69 38.88 -9.56
C ASP A 114 -6.36 39.78 -10.77
N GLY A 115 -7.03 39.51 -11.89
CA GLY A 115 -6.87 40.29 -13.11
C GLY A 115 -5.56 40.16 -13.86
N LYS A 116 -4.70 39.24 -13.43
CA LYS A 116 -3.35 39.08 -13.98
C LYS A 116 -3.10 37.67 -14.50
N ASP A 117 -2.61 37.58 -15.74
CA ASP A 117 -2.33 36.31 -16.39
C ASP A 117 -1.18 35.60 -15.68
N VAL A 118 -1.38 34.31 -15.37
CA VAL A 118 -0.36 33.56 -14.64
C VAL A 118 0.66 32.89 -15.56
N MET A 119 0.34 32.81 -16.85
CA MET A 119 1.15 32.04 -17.79
C MET A 119 2.58 32.55 -17.97
N PRO A 120 2.82 33.87 -18.08
CA PRO A 120 4.20 34.36 -18.09
C PRO A 120 5.07 33.85 -16.93
N GLU A 121 4.57 33.84 -15.69
CA GLU A 121 5.39 33.35 -14.58
C GLU A 121 5.54 31.82 -14.59
N VAL A 122 4.50 31.11 -14.99
CA VAL A 122 4.58 29.64 -15.15
C VAL A 122 5.69 29.30 -16.17
N ASN A 123 5.67 30.00 -17.30
CA ASN A 123 6.64 29.76 -18.37
C ASN A 123 8.06 30.20 -18.03
N ARG A 124 8.19 31.28 -17.25
CA ARG A 124 9.49 31.71 -16.77
C ARG A 124 10.14 30.63 -15.89
N VAL A 125 9.36 30.02 -14.99
CA VAL A 125 9.92 28.98 -14.12
C VAL A 125 10.30 27.74 -14.93
N LEU A 126 9.46 27.36 -15.89
CA LEU A 126 9.78 26.25 -16.79
C LEU A 126 11.07 26.51 -17.55
N ASP A 127 11.25 27.74 -18.06
CA ASP A 127 12.51 28.08 -18.75
C ASP A 127 13.73 27.90 -17.84
N LYS A 128 13.60 28.36 -16.59
CA LYS A 128 14.67 28.23 -15.60
C LYS A 128 14.95 26.74 -15.31
N MET A 129 13.89 25.95 -15.18
CA MET A 129 14.04 24.50 -14.99
C MET A 129 14.82 23.86 -16.16
N LYS A 130 14.43 24.22 -17.39
CA LYS A 130 15.07 23.70 -18.61
C LYS A 130 16.56 24.01 -18.63
N SER A 131 16.90 25.26 -18.33
CA SER A 131 18.30 25.69 -18.32
C SER A 131 19.10 24.95 -17.26
N PHE A 132 18.54 24.81 -16.06
CA PHE A 132 19.21 24.09 -14.98
C PHE A 132 19.44 22.61 -15.31
N CYS A 133 18.43 21.98 -15.90
CA CYS A 133 18.54 20.58 -16.27
C CYS A 133 19.67 20.38 -17.29
N GLN A 134 19.73 21.28 -18.28
CA GLN A 134 20.82 21.23 -19.26
C GLN A 134 22.20 21.31 -18.58
N ARG A 135 22.36 22.24 -17.64
CA ARG A 135 23.64 22.44 -16.97
C ARG A 135 24.06 21.23 -16.17
N VAL A 136 23.12 20.65 -15.43
CA VAL A 136 23.44 19.49 -14.62
C VAL A 136 23.69 18.22 -15.45
N ARG A 137 22.76 17.92 -16.37
CA ARG A 137 22.80 16.67 -17.12
C ARG A 137 23.98 16.60 -18.11
N SER A 138 24.41 17.76 -18.61
CA SER A 138 25.52 17.85 -19.55
C SER A 138 26.86 17.63 -18.87
N GLY A 139 26.88 17.73 -17.54
CA GLY A 139 28.13 17.66 -16.81
C GLY A 139 28.75 19.02 -16.57
N ASP A 140 28.14 20.08 -17.08
CA ASP A 140 28.68 21.44 -16.95
C ASP A 140 28.65 21.96 -15.52
N TRP A 141 27.57 21.67 -14.81
CA TRP A 141 27.42 22.13 -13.42
C TRP A 141 28.38 21.33 -12.56
N LYS A 142 29.27 22.02 -11.86
CA LYS A 142 30.28 21.36 -11.05
C LYS A 142 30.10 21.53 -9.54
N GLY A 143 30.48 20.51 -8.79
CA GLY A 143 30.45 20.57 -7.34
C GLY A 143 31.67 21.28 -6.77
N TYR A 144 31.76 21.34 -5.43
CA TYR A 144 32.73 22.22 -4.76
C TYR A 144 34.18 21.83 -4.98
N THR A 145 34.41 20.57 -5.39
CA THR A 145 35.76 20.10 -5.76
C THR A 145 36.00 19.98 -7.26
N GLY A 146 35.08 20.49 -8.08
CA GLY A 146 35.26 20.53 -9.52
C GLY A 146 34.77 19.32 -10.30
N LYS A 147 33.90 18.52 -9.69
CA LYS A 147 33.39 17.28 -10.33
C LYS A 147 31.94 17.43 -10.79
N SER A 148 31.59 16.77 -11.89
CA SER A 148 30.20 16.73 -12.33
C SER A 148 29.29 16.01 -11.31
N ILE A 149 28.00 16.39 -11.32
CA ILE A 149 27.01 15.83 -10.40
C ILE A 149 26.60 14.41 -10.85
N THR A 150 26.57 13.48 -9.92
CA THR A 150 26.16 12.09 -10.23
C THR A 150 24.87 11.67 -9.54
N ASP A 151 24.48 12.37 -8.48
CA ASP A 151 23.32 12.00 -7.67
C ASP A 151 22.48 13.23 -7.33
N ILE A 152 21.16 13.11 -7.51
CA ILE A 152 20.19 14.13 -7.13
C ILE A 152 19.42 13.60 -5.93
N ILE A 153 19.28 14.40 -4.87
CA ILE A 153 18.56 13.94 -3.68
C ILE A 153 17.41 14.89 -3.39
N ASN A 154 16.19 14.41 -3.60
CA ASN A 154 15.00 15.20 -3.28
C ASN A 154 14.66 15.02 -1.81
N ILE A 155 14.55 16.14 -1.09
CA ILE A 155 14.13 16.11 0.30
C ILE A 155 12.80 16.81 0.41
N GLY A 156 11.78 16.06 0.82
CA GLY A 156 10.43 16.60 0.93
C GLY A 156 9.49 15.50 1.35
N ILE A 157 8.27 15.86 1.72
CA ILE A 157 7.31 14.89 2.20
C ILE A 157 5.91 15.14 1.63
N GLY A 158 5.10 14.09 1.56
CA GLY A 158 3.76 14.20 1.00
C GLY A 158 3.78 14.70 -0.44
N GLY A 159 3.13 15.82 -0.68
CA GLY A 159 3.04 16.42 -2.00
C GLY A 159 4.37 16.81 -2.63
N SER A 160 5.38 16.97 -1.80
CA SER A 160 6.71 17.31 -2.30
C SER A 160 7.59 16.08 -2.51
N ASP A 161 7.01 14.88 -2.35
CA ASP A 161 7.73 13.61 -2.45
C ASP A 161 7.04 12.61 -3.37
N LEU A 162 5.75 12.38 -3.15
CA LEU A 162 5.05 11.25 -3.76
C LEU A 162 4.97 11.32 -5.27
N GLY A 163 4.74 12.52 -5.81
CA GLY A 163 4.66 12.73 -7.26
C GLY A 163 5.99 12.50 -7.96
N PRO A 164 7.04 13.23 -7.57
CA PRO A 164 8.36 13.02 -8.17
C PRO A 164 8.82 11.56 -8.02
N LEU A 165 8.59 10.94 -6.87
CA LEU A 165 8.98 9.56 -6.69
C LEU A 165 8.21 8.62 -7.65
N MET A 166 6.88 8.74 -7.64
CA MET A 166 6.06 7.87 -8.50
C MET A 166 6.41 8.04 -9.98
N VAL A 167 6.65 9.28 -10.42
CA VAL A 167 6.86 9.54 -11.83
C VAL A 167 8.26 9.05 -12.26
N THR A 168 9.27 9.31 -11.43
CA THR A 168 10.61 8.82 -11.80
C THR A 168 10.65 7.30 -11.83
N GLU A 169 9.90 6.66 -10.93
CA GLU A 169 9.79 5.19 -10.94
C GLU A 169 9.09 4.70 -12.21
N ALA A 170 7.99 5.35 -12.57
CA ALA A 170 7.19 4.92 -13.72
C ALA A 170 7.89 5.17 -15.07
N LEU A 171 8.75 6.18 -15.11
CA LEU A 171 9.46 6.60 -16.33
C LEU A 171 10.93 6.24 -16.32
N LYS A 172 11.30 5.27 -15.48
CA LYS A 172 12.70 4.82 -15.36
C LYS A 172 13.43 4.54 -16.70
N PRO A 173 12.78 3.91 -17.69
CA PRO A 173 13.47 3.68 -18.98
C PRO A 173 13.84 4.96 -19.74
N TYR A 174 13.25 6.10 -19.36
CA TYR A 174 13.57 7.38 -20.01
C TYR A 174 14.72 8.14 -19.33
N SER A 175 15.35 7.48 -18.35
CA SER A 175 16.42 8.08 -17.53
C SER A 175 17.86 7.70 -17.93
N LYS A 176 18.02 7.03 -19.08
CA LYS A 176 19.35 6.61 -19.53
C LYS A 176 20.25 7.82 -19.66
N GLY A 177 21.45 7.72 -19.11
CA GLY A 177 22.39 8.82 -19.14
C GLY A 177 22.12 9.96 -18.17
N GLY A 178 21.03 9.87 -17.39
CA GLY A 178 20.70 10.90 -16.41
C GLY A 178 21.34 10.59 -15.06
N PRO A 179 21.38 11.57 -14.15
CA PRO A 179 21.92 11.31 -12.80
C PRO A 179 21.01 10.37 -12.01
N ARG A 180 21.55 9.65 -11.04
CA ARG A 180 20.72 8.86 -10.11
C ARG A 180 19.82 9.80 -9.30
N VAL A 181 18.61 9.34 -8.97
CA VAL A 181 17.70 10.08 -8.06
C VAL A 181 17.41 9.31 -6.79
N TRP A 182 17.36 10.06 -5.69
CA TRP A 182 17.08 9.53 -4.36
C TRP A 182 15.98 10.39 -3.75
N PHE A 183 15.10 9.76 -2.95
CA PHE A 183 14.05 10.47 -2.24
C PHE A 183 14.16 10.25 -0.73
N VAL A 184 14.32 11.37 -0.03
CA VAL A 184 14.34 11.38 1.42
C VAL A 184 13.09 12.11 1.90
N SER A 185 12.31 11.48 2.77
CA SER A 185 11.00 12.05 3.14
C SER A 185 10.69 11.91 4.62
N ASN A 186 10.82 10.70 5.15
CA ASN A 186 10.50 10.46 6.55
C ASN A 186 11.41 11.26 7.48
N ILE A 187 10.86 11.78 8.57
CA ILE A 187 11.74 12.33 9.63
C ILE A 187 12.58 11.22 10.27
N ASP A 188 12.05 9.99 10.31
CA ASP A 188 12.83 8.85 10.80
C ASP A 188 14.27 8.91 10.25
N GLY A 189 15.25 9.00 11.15
CA GLY A 189 16.64 9.25 10.79
C GLY A 189 17.25 8.16 9.92
N THR A 190 16.62 6.98 9.91
CA THR A 190 16.99 5.92 8.99
C THR A 190 17.03 6.40 7.54
N HIS A 191 16.06 7.26 7.20
CA HIS A 191 15.88 7.59 5.81
C HIS A 191 17.06 8.40 5.29
N ILE A 192 17.38 9.52 5.96
CA ILE A 192 18.52 10.33 5.54
C ILE A 192 19.86 9.60 5.77
N ALA A 193 19.99 8.88 6.89
CA ALA A 193 21.26 8.22 7.21
C ALA A 193 21.65 7.19 6.16
N LYS A 194 20.72 6.32 5.77
CA LYS A 194 21.01 5.31 4.77
C LYS A 194 21.27 5.88 3.37
N THR A 195 20.62 6.98 3.06
CA THR A 195 20.88 7.69 1.82
C THR A 195 22.28 8.31 1.82
N LEU A 196 22.62 9.06 2.86
CA LEU A 196 23.91 9.79 2.90
C LEU A 196 25.10 8.81 2.91
N ALA A 197 24.85 7.62 3.46
CA ALA A 197 25.89 6.59 3.57
C ALA A 197 26.43 6.17 2.21
N SER A 198 25.59 6.27 1.19
CA SER A 198 25.90 5.85 -0.17
C SER A 198 26.34 6.99 -1.08
N LEU A 199 26.59 8.16 -0.51
CA LEU A 199 26.82 9.34 -1.37
C LEU A 199 28.10 10.05 -1.01
N SER A 200 28.60 10.84 -1.97
CA SER A 200 29.73 11.72 -1.72
C SER A 200 29.25 13.16 -1.76
N PRO A 201 29.64 13.98 -0.79
CA PRO A 201 29.26 15.39 -0.78
C PRO A 201 29.72 16.12 -2.02
N GLU A 202 30.80 15.62 -2.64
CA GLU A 202 31.40 16.29 -3.82
C GLU A 202 30.54 16.21 -5.08
N THR A 203 29.67 15.20 -5.16
CA THR A 203 28.97 14.93 -6.41
C THR A 203 27.44 14.83 -6.26
N SER A 204 26.93 15.31 -5.13
CA SER A 204 25.53 15.18 -4.77
C SER A 204 24.86 16.54 -4.80
N LEU A 205 23.70 16.63 -5.43
CA LEU A 205 22.93 17.87 -5.44
C LEU A 205 21.63 17.64 -4.68
N PHE A 206 21.39 18.45 -3.65
CA PHE A 206 20.16 18.36 -2.84
C PHE A 206 19.08 19.32 -3.33
N ILE A 207 17.85 18.82 -3.40
CA ILE A 207 16.71 19.61 -3.83
C ILE A 207 15.77 19.64 -2.62
N ILE A 208 15.62 20.82 -2.00
CA ILE A 208 14.73 20.96 -0.83
C ILE A 208 13.36 21.43 -1.31
N ALA A 209 12.40 20.50 -1.27
CA ALA A 209 11.07 20.68 -1.86
C ALA A 209 10.05 20.87 -0.75
N SER A 210 9.51 22.07 -0.66
CA SER A 210 8.48 22.36 0.35
C SER A 210 7.73 23.64 0.00
N LYS A 211 6.41 23.52 -0.15
CA LYS A 211 5.56 24.66 -0.51
C LYS A 211 5.72 25.77 0.53
N THR A 212 5.57 25.41 1.81
CA THR A 212 5.70 26.36 2.92
C THR A 212 7.15 26.66 3.29
N PHE A 213 8.04 25.71 3.05
CA PHE A 213 9.40 25.72 3.62
C PHE A 213 9.44 25.80 5.17
N THR A 214 8.41 25.29 5.82
CA THR A 214 8.42 25.21 7.29
C THR A 214 8.10 23.81 7.82
N THR A 215 7.83 22.87 6.92
CA THR A 215 7.45 21.51 7.31
C THR A 215 8.55 20.90 8.15
N GLN A 216 8.20 20.42 9.33
CA GLN A 216 9.23 19.98 10.27
C GLN A 216 10.13 18.89 9.71
N GLU A 217 9.53 17.87 9.10
CA GLU A 217 10.34 16.75 8.60
C GLU A 217 11.35 17.23 7.57
N THR A 218 10.89 18.08 6.65
CA THR A 218 11.70 18.50 5.51
C THR A 218 12.83 19.45 5.94
N ILE A 219 12.50 20.43 6.77
CA ILE A 219 13.53 21.35 7.24
C ILE A 219 14.57 20.66 8.12
N THR A 220 14.16 19.72 8.96
CA THR A 220 15.09 18.97 9.80
C THR A 220 16.01 18.12 8.93
N ASN A 221 15.41 17.38 7.99
CA ASN A 221 16.18 16.61 7.02
C ASN A 221 17.18 17.50 6.26
N ALA A 222 16.71 18.67 5.80
CA ALA A 222 17.56 19.59 5.03
C ALA A 222 18.73 20.09 5.89
N GLU A 223 18.44 20.39 7.16
CA GLU A 223 19.50 20.83 8.08
C GLU A 223 20.54 19.73 8.33
N THR A 224 20.09 18.49 8.47
CA THR A 224 20.99 17.37 8.64
C THR A 224 21.87 17.19 7.40
N ALA A 225 21.25 17.30 6.22
CA ALA A 225 21.99 17.21 4.96
C ALA A 225 23.05 18.31 4.85
N LYS A 226 22.66 19.53 5.20
CA LYS A 226 23.58 20.69 5.14
C LYS A 226 24.74 20.53 6.12
N GLU A 227 24.46 19.96 7.29
CA GLU A 227 25.52 19.72 8.29
C GLU A 227 26.52 18.66 7.78
N TRP A 228 26.01 17.57 7.22
CA TRP A 228 26.82 16.52 6.62
C TRP A 228 27.67 17.11 5.50
N PHE A 229 27.07 17.95 4.68
CA PHE A 229 27.75 18.58 3.56
C PHE A 229 28.89 19.50 4.05
N LEU A 230 28.59 20.36 5.01
CA LEU A 230 29.57 21.34 5.49
C LEU A 230 30.72 20.70 6.29
N GLU A 231 30.48 19.54 6.87
CA GLU A 231 31.52 18.79 7.57
C GLU A 231 32.62 18.38 6.59
N ALA A 232 32.24 18.10 5.34
CA ALA A 232 33.19 17.78 4.28
C ALA A 232 33.75 19.02 3.57
N ALA A 233 32.86 19.94 3.17
CA ALA A 233 33.23 21.08 2.32
C ALA A 233 33.89 22.23 3.07
N LYS A 234 33.44 22.46 4.31
CA LYS A 234 34.04 23.47 5.22
C LYS A 234 34.03 24.87 4.62
N ASP A 235 33.00 25.16 3.84
CA ASP A 235 32.92 26.41 3.10
C ASP A 235 31.44 26.73 2.86
N PRO A 236 30.91 27.71 3.60
CA PRO A 236 29.49 28.06 3.46
C PRO A 236 29.10 28.47 2.05
N SER A 237 30.04 29.05 1.28
CA SER A 237 29.75 29.48 -0.07
C SER A 237 29.50 28.29 -1.03
N ALA A 238 30.00 27.11 -0.66
CA ALA A 238 29.84 25.90 -1.47
C ALA A 238 28.40 25.35 -1.46
N VAL A 239 27.61 25.80 -0.49
CA VAL A 239 26.19 25.40 -0.41
C VAL A 239 25.44 25.74 -1.70
N ALA A 240 25.73 26.89 -2.30
CA ALA A 240 25.10 27.31 -3.55
C ALA A 240 25.35 26.38 -4.75
N LYS A 241 26.38 25.53 -4.67
CA LYS A 241 26.65 24.57 -5.74
C LYS A 241 25.91 23.24 -5.53
N HIS A 242 25.39 23.03 -4.31
CA HIS A 242 24.88 21.73 -3.90
C HIS A 242 23.44 21.69 -3.36
N PHE A 243 22.80 22.87 -3.22
CA PHE A 243 21.43 22.92 -2.68
C PHE A 243 20.59 23.86 -3.53
N VAL A 244 19.40 23.40 -3.90
CA VAL A 244 18.43 24.21 -4.62
C VAL A 244 17.11 24.09 -3.86
N ALA A 245 16.30 25.16 -3.89
CA ALA A 245 15.03 25.16 -3.18
C ALA A 245 13.84 25.26 -4.14
N LEU A 246 12.80 24.50 -3.84
CA LEU A 246 11.53 24.57 -4.58
C LEU A 246 10.44 24.98 -3.59
N SER A 247 9.92 26.21 -3.73
CA SER A 247 9.03 26.74 -2.70
C SER A 247 8.17 27.92 -3.17
N THR A 248 7.19 28.32 -2.35
CA THR A 248 6.47 29.59 -2.53
C THR A 248 6.99 30.66 -1.57
N ASN A 249 7.79 30.24 -0.58
CA ASN A 249 8.14 31.08 0.56
C ASN A 249 9.59 31.54 0.56
N THR A 250 9.86 32.57 -0.25
CA THR A 250 11.21 33.14 -0.39
C THR A 250 11.87 33.47 0.95
N ALA A 251 11.11 34.09 1.86
CA ALA A 251 11.64 34.50 3.17
C ALA A 251 12.26 33.33 3.95
N LYS A 252 11.53 32.21 3.99
CA LYS A 252 11.97 31.04 4.73
C LYS A 252 13.14 30.33 4.02
N VAL A 253 13.14 30.37 2.70
CA VAL A 253 14.25 29.83 1.91
C VAL A 253 15.54 30.61 2.24
N LYS A 254 15.44 31.93 2.28
CA LYS A 254 16.57 32.81 2.63
C LYS A 254 17.07 32.53 4.05
N GLU A 255 16.12 32.39 4.98
CA GLU A 255 16.39 32.07 6.38
C GLU A 255 17.13 30.74 6.57
N PHE A 256 16.78 29.75 5.75
CA PHE A 256 17.46 28.45 5.78
C PHE A 256 18.92 28.58 5.33
N GLY A 257 19.18 29.53 4.45
CA GLY A 257 20.53 29.76 3.96
C GLY A 257 20.72 29.55 2.47
N ILE A 258 19.62 29.58 1.71
CA ILE A 258 19.65 29.48 0.24
C ILE A 258 19.19 30.82 -0.35
N ASP A 259 19.95 31.34 -1.30
CA ASP A 259 19.61 32.58 -2.01
C ASP A 259 18.49 32.34 -3.03
N PRO A 260 17.60 33.33 -3.20
CA PRO A 260 16.53 33.24 -4.24
C PRO A 260 17.00 32.89 -5.66
N GLN A 261 18.26 33.14 -6.02
CA GLN A 261 18.78 32.71 -7.32
C GLN A 261 18.86 31.18 -7.40
N ASN A 262 18.94 30.53 -6.23
CA ASN A 262 19.00 29.08 -6.12
C ASN A 262 17.63 28.49 -5.77
N MET A 263 16.58 29.25 -6.08
CA MET A 263 15.20 28.88 -5.77
C MET A 263 14.35 28.87 -7.03
N LEU A 264 13.52 27.84 -7.20
CA LEU A 264 12.52 27.79 -8.27
C LEU A 264 11.16 27.88 -7.62
N GLU A 265 10.38 28.87 -8.02
CA GLU A 265 9.15 29.15 -7.29
C GLU A 265 7.91 28.53 -7.90
N PHE A 266 6.92 28.35 -7.04
CA PHE A 266 5.55 28.10 -7.47
C PHE A 266 4.62 28.98 -6.65
N TRP A 267 3.33 28.69 -6.70
CA TRP A 267 2.30 29.66 -6.24
C TRP A 267 1.26 29.03 -5.34
N ASP A 268 0.50 29.87 -4.60
CA ASP A 268 -0.45 29.32 -3.63
C ASP A 268 -1.58 28.47 -4.24
N TRP A 269 -1.88 28.70 -5.52
CA TRP A 269 -2.92 27.99 -6.25
C TRP A 269 -2.46 26.64 -6.81
N VAL A 270 -1.23 26.27 -6.47
CA VAL A 270 -0.72 24.90 -6.70
C VAL A 270 -0.82 24.08 -5.39
N GLY A 271 -1.80 23.19 -5.31
CA GLY A 271 -1.90 22.35 -4.13
C GLY A 271 -0.73 21.37 -4.12
N GLY A 272 -0.25 21.01 -2.94
CA GLY A 272 0.91 20.12 -2.84
C GLY A 272 0.68 18.80 -3.57
N ARG A 273 -0.52 18.24 -3.41
CA ARG A 273 -0.85 16.94 -4.02
C ARG A 273 -1.22 17.06 -5.49
N TYR A 274 -1.12 18.29 -6.04
CA TYR A 274 -1.27 18.59 -7.46
C TYR A 274 -0.02 19.32 -7.97
N SER A 275 1.13 19.06 -7.35
CA SER A 275 2.29 19.95 -7.56
C SER A 275 3.40 19.42 -8.45
N LEU A 276 3.35 18.16 -8.85
CA LEU A 276 4.48 17.60 -9.64
C LEU A 276 4.67 18.31 -11.00
N TRP A 277 3.62 18.97 -11.46
CA TRP A 277 3.64 19.69 -12.75
C TRP A 277 4.41 21.03 -12.68
N SER A 278 4.69 21.48 -11.46
CA SER A 278 5.34 22.76 -11.19
C SER A 278 6.84 22.55 -11.00
N ALA A 279 7.50 23.56 -10.43
CA ALA A 279 8.90 23.45 -9.98
C ALA A 279 9.16 22.19 -9.16
N ILE A 280 8.15 21.71 -8.44
CA ILE A 280 8.30 20.48 -7.63
C ILE A 280 8.72 19.28 -8.51
N GLY A 281 8.41 19.34 -9.79
CA GLY A 281 8.84 18.29 -10.71
C GLY A 281 10.29 18.39 -11.15
N LEU A 282 11.09 19.26 -10.53
CA LEU A 282 12.49 19.38 -10.96
C LEU A 282 13.25 18.05 -10.96
N SER A 283 13.07 17.23 -9.93
CA SER A 283 13.82 15.97 -9.88
C SER A 283 13.40 15.00 -11.00
N ILE A 284 12.15 15.11 -11.46
CA ILE A 284 11.70 14.36 -12.66
C ILE A 284 12.47 14.83 -13.90
N ALA A 285 12.42 16.14 -14.15
CA ALA A 285 13.13 16.73 -15.28
C ALA A 285 14.64 16.45 -15.25
N LEU A 286 15.26 16.47 -14.06
CA LEU A 286 16.70 16.14 -13.97
C LEU A 286 16.99 14.69 -14.32
N HIS A 287 16.10 13.78 -13.91
CA HIS A 287 16.31 12.35 -14.11
C HIS A 287 16.03 11.92 -15.54
N VAL A 288 14.93 12.40 -16.13
CA VAL A 288 14.55 11.97 -17.49
C VAL A 288 14.80 12.99 -18.59
N GLY A 289 15.19 14.20 -18.21
CA GLY A 289 15.38 15.28 -19.16
C GLY A 289 14.15 16.16 -19.29
N PHE A 290 14.39 17.43 -19.58
CA PHE A 290 13.31 18.39 -19.73
C PHE A 290 12.36 18.05 -20.88
N ASP A 291 12.87 17.54 -22.00
CA ASP A 291 12.00 17.13 -23.11
C ASP A 291 10.91 16.14 -22.67
N HIS A 292 11.30 15.11 -21.92
CA HIS A 292 10.32 14.14 -21.42
C HIS A 292 9.38 14.75 -20.39
N PHE A 293 9.89 15.66 -19.56
CA PHE A 293 9.04 16.40 -18.62
C PHE A 293 7.97 17.21 -19.38
N GLU A 294 8.37 17.90 -20.45
CA GLU A 294 7.40 18.61 -21.29
C GLU A 294 6.35 17.70 -21.89
N GLN A 295 6.74 16.49 -22.30
CA GLN A 295 5.78 15.52 -22.82
C GLN A 295 4.78 15.07 -21.74
N LEU A 296 5.27 14.93 -20.50
CA LEU A 296 4.40 14.64 -19.36
C LEU A 296 3.35 15.73 -19.17
N LEU A 297 3.79 16.99 -19.21
CA LEU A 297 2.91 18.15 -19.14
C LEU A 297 1.92 18.16 -20.31
N SER A 298 2.41 17.83 -21.51
CA SER A 298 1.57 17.86 -22.73
C SER A 298 0.43 16.84 -22.68
N GLY A 299 0.71 15.66 -22.13
CA GLY A 299 -0.28 14.61 -21.94
C GLY A 299 -1.36 15.02 -20.95
N ALA A 300 -0.95 15.64 -19.84
CA ALA A 300 -1.93 16.18 -18.89
C ALA A 300 -2.80 17.24 -19.59
N HIS A 301 -2.17 18.13 -20.35
CA HIS A 301 -2.90 19.16 -21.12
C HIS A 301 -3.96 18.55 -22.05
N TRP A 302 -3.60 17.47 -22.74
CA TRP A 302 -4.56 16.78 -23.60
C TRP A 302 -5.78 16.32 -22.81
N MET A 303 -5.54 15.67 -21.66
CA MET A 303 -6.63 15.23 -20.81
C MET A 303 -7.45 16.39 -20.21
N ASP A 304 -6.78 17.52 -19.91
CA ASP A 304 -7.45 18.73 -19.45
C ASP A 304 -8.46 19.19 -20.51
N GLN A 305 -8.02 19.23 -21.77
CA GLN A 305 -8.90 19.62 -22.88
C GLN A 305 -10.04 18.63 -23.12
N HIS A 306 -9.76 17.34 -22.95
CA HIS A 306 -10.81 16.30 -23.04
C HIS A 306 -11.87 16.53 -21.97
N PHE A 307 -11.43 16.79 -20.75
CA PHE A 307 -12.35 17.08 -19.64
C PHE A 307 -13.17 18.36 -19.87
N LEU A 308 -12.52 19.39 -20.38
CA LEU A 308 -13.14 20.70 -20.58
C LEU A 308 -14.20 20.69 -21.70
N LYS A 309 -13.94 19.92 -22.75
CA LYS A 309 -14.69 20.11 -24.01
C LYS A 309 -15.67 19.01 -24.38
N THR A 310 -15.63 17.88 -23.66
CA THR A 310 -16.44 16.72 -24.01
C THR A 310 -17.76 16.71 -23.23
N PRO A 311 -18.88 16.41 -23.91
CA PRO A 311 -20.17 16.26 -23.23
C PRO A 311 -20.06 15.20 -22.13
N LEU A 312 -20.73 15.42 -21.00
CA LEU A 312 -20.57 14.58 -19.81
C LEU A 312 -20.73 13.07 -20.07
N GLU A 313 -21.68 12.68 -20.91
CA GLU A 313 -21.98 11.26 -21.13
C GLU A 313 -20.86 10.45 -21.81
N LYS A 314 -19.89 11.15 -22.40
CA LYS A 314 -18.74 10.57 -23.09
C LYS A 314 -17.39 11.08 -22.54
N ASN A 315 -17.41 11.66 -21.34
CA ASN A 315 -16.26 12.34 -20.73
C ASN A 315 -15.56 11.42 -19.71
N ALA A 316 -14.32 11.01 -19.97
CA ALA A 316 -13.71 9.91 -19.17
C ALA A 316 -13.65 10.16 -17.65
N PRO A 317 -13.04 11.26 -17.18
CA PRO A 317 -12.99 11.50 -15.73
C PRO A 317 -14.39 11.67 -15.11
N VAL A 318 -15.32 12.25 -15.85
CA VAL A 318 -16.73 12.32 -15.37
C VAL A 318 -17.35 10.92 -15.15
N LEU A 319 -17.22 10.02 -16.13
CA LEU A 319 -17.79 8.68 -16.01
C LEU A 319 -17.16 7.88 -14.87
N LEU A 320 -15.84 7.99 -14.74
CA LEU A 320 -15.15 7.34 -13.63
C LEU A 320 -15.65 7.87 -12.28
N ALA A 321 -15.84 9.19 -12.19
CA ALA A 321 -16.33 9.81 -10.96
C ALA A 321 -17.74 9.31 -10.63
N LEU A 322 -18.61 9.27 -11.65
CA LEU A 322 -19.99 8.82 -11.46
C LEU A 322 -20.11 7.37 -11.01
N LEU A 323 -19.32 6.48 -11.62
CA LEU A 323 -19.30 5.09 -11.20
C LEU A 323 -18.91 5.00 -9.73
N GLY A 324 -17.95 5.84 -9.32
CA GLY A 324 -17.50 5.83 -7.94
C GLY A 324 -18.62 6.25 -6.99
N ILE A 325 -19.35 7.29 -7.36
CA ILE A 325 -20.49 7.77 -6.54
C ILE A 325 -21.55 6.68 -6.39
N TRP A 326 -21.80 5.96 -7.48
CA TRP A 326 -22.75 4.84 -7.49
C TRP A 326 -22.35 3.82 -6.43
N TYR A 327 -21.07 3.43 -6.40
CA TYR A 327 -20.62 2.44 -5.44
C TYR A 327 -20.50 2.99 -4.02
N ILE A 328 -20.11 4.25 -3.89
CA ILE A 328 -19.89 4.83 -2.56
C ILE A 328 -21.22 5.16 -1.88
N ASN A 329 -22.06 5.91 -2.58
CA ASN A 329 -23.28 6.44 -1.98
C ASN A 329 -24.51 5.58 -2.14
N CYS A 330 -24.51 4.67 -3.11
CA CYS A 330 -25.63 3.74 -3.23
C CYS A 330 -25.30 2.35 -2.68
N TYR A 331 -24.14 1.79 -3.01
CA TYR A 331 -23.75 0.47 -2.48
C TYR A 331 -23.03 0.53 -1.11
N GLY A 332 -22.46 1.68 -0.77
CA GLY A 332 -21.78 1.84 0.51
C GLY A 332 -20.38 1.22 0.59
N CYS A 333 -19.70 1.06 -0.54
CA CYS A 333 -18.35 0.50 -0.54
C CYS A 333 -17.34 1.50 0.03
N GLU A 334 -16.57 1.08 1.03
CA GLU A 334 -15.60 1.96 1.68
C GLU A 334 -14.36 2.26 0.84
N THR A 335 -14.02 1.34 -0.07
CA THR A 335 -12.69 1.39 -0.70
C THR A 335 -12.70 1.36 -2.22
N HIS A 336 -11.56 1.73 -2.81
CA HIS A 336 -11.39 1.70 -4.24
C HIS A 336 -9.96 1.19 -4.48
N ALA A 337 -9.81 0.09 -5.21
CA ALA A 337 -8.48 -0.47 -5.46
C ALA A 337 -7.93 -0.05 -6.82
N LEU A 338 -6.66 0.37 -6.83
CA LEU A 338 -5.93 0.69 -8.04
C LEU A 338 -4.89 -0.39 -8.27
N LEU A 339 -5.05 -1.13 -9.38
CA LEU A 339 -4.25 -2.34 -9.63
C LEU A 339 -3.56 -2.27 -11.01
N PRO A 340 -2.45 -1.53 -11.10
CA PRO A 340 -1.70 -1.42 -12.37
C PRO A 340 -0.87 -2.68 -12.62
N TYR A 341 -1.07 -3.30 -13.78
CA TYR A 341 -0.27 -4.45 -14.18
C TYR A 341 1.04 -3.97 -14.82
N ASP A 342 1.87 -3.35 -13.98
CA ASP A 342 3.08 -2.70 -14.45
C ASP A 342 3.95 -2.41 -13.24
N GLN A 343 5.10 -3.10 -13.18
CA GLN A 343 6.04 -2.94 -12.07
C GLN A 343 6.60 -1.51 -11.96
N TYR A 344 6.79 -0.82 -13.09
CA TYR A 344 7.24 0.56 -13.04
C TYR A 344 6.20 1.44 -12.34
N MET A 345 4.93 1.05 -12.42
CA MET A 345 3.85 1.82 -11.77
C MET A 345 3.62 1.41 -10.30
N HIS A 346 4.65 0.83 -9.67
CA HIS A 346 4.48 0.29 -8.31
C HIS A 346 4.11 1.33 -7.22
N ARG A 347 4.31 2.63 -7.49
CA ARG A 347 3.97 3.66 -6.52
C ARG A 347 2.76 4.50 -6.95
N PHE A 348 2.06 4.04 -7.99
CA PHE A 348 0.88 4.76 -8.51
C PHE A 348 -0.25 4.80 -7.48
N ALA A 349 -0.55 3.67 -6.86
CA ALA A 349 -1.61 3.63 -5.85
C ALA A 349 -1.29 4.51 -4.63
N ALA A 350 -0.03 4.45 -4.16
CA ALA A 350 0.40 5.31 -3.05
C ALA A 350 0.24 6.81 -3.36
N TYR A 351 0.53 7.20 -4.61
CA TYR A 351 0.36 8.57 -5.03
C TYR A 351 -1.12 8.99 -4.90
N PHE A 352 -2.02 8.13 -5.39
CA PHE A 352 -3.45 8.45 -5.35
C PHE A 352 -4.09 8.28 -3.97
N GLN A 353 -3.41 7.60 -3.05
CA GLN A 353 -3.80 7.74 -1.64
C GLN A 353 -3.81 9.20 -1.20
N GLN A 354 -2.74 9.98 -1.46
CA GLN A 354 -2.79 11.41 -1.15
C GLN A 354 -3.76 12.13 -2.06
N GLY A 355 -3.65 11.89 -3.36
CA GLY A 355 -4.43 12.69 -4.30
C GLY A 355 -5.93 12.59 -4.05
N ASP A 356 -6.41 11.37 -3.83
CA ASP A 356 -7.82 11.12 -3.57
C ASP A 356 -8.15 11.41 -2.10
N MET A 357 -7.49 10.73 -1.18
CA MET A 357 -7.92 10.75 0.23
C MET A 357 -7.72 12.11 0.92
N GLU A 358 -6.63 12.80 0.59
CA GLU A 358 -6.41 14.12 1.19
C GLU A 358 -7.34 15.16 0.58
N SER A 359 -7.74 14.98 -0.69
CA SER A 359 -8.70 15.87 -1.35
C SER A 359 -10.12 15.68 -0.80
N ASN A 360 -10.59 14.44 -0.81
CA ASN A 360 -12.01 14.18 -0.57
C ASN A 360 -12.37 13.51 0.76
N GLY A 361 -11.37 13.33 1.63
CA GLY A 361 -11.60 12.86 3.00
C GLY A 361 -12.04 14.02 3.87
N LYS A 362 -13.30 14.40 3.67
CA LYS A 362 -13.85 15.67 4.17
C LYS A 362 -15.26 15.44 4.73
N TYR A 363 -15.70 16.33 5.61
CA TYR A 363 -17.04 16.15 6.18
C TYR A 363 -17.90 17.40 6.29
N ILE A 364 -17.34 18.55 5.90
CA ILE A 364 -18.10 19.81 5.90
C ILE A 364 -18.29 20.32 4.48
N THR A 365 -19.51 20.75 4.16
CA THR A 365 -19.79 21.30 2.83
C THR A 365 -19.59 22.81 2.69
N LYS A 366 -19.75 23.26 1.44
CA LYS A 366 -19.65 24.68 1.11
C LYS A 366 -20.65 25.52 1.91
N SER A 367 -21.78 24.92 2.27
CA SER A 367 -22.79 25.65 3.07
C SER A 367 -22.45 25.69 4.55
N GLY A 368 -21.46 24.90 4.98
CA GLY A 368 -21.18 24.78 6.40
C GLY A 368 -21.85 23.56 7.01
N ALA A 369 -22.60 22.82 6.21
CA ALA A 369 -23.32 21.64 6.71
C ALA A 369 -22.42 20.44 6.94
N ARG A 370 -22.72 19.66 7.97
CA ARG A 370 -22.07 18.37 8.16
C ARG A 370 -22.71 17.38 7.18
N VAL A 371 -21.88 16.70 6.39
CA VAL A 371 -22.41 15.72 5.46
C VAL A 371 -23.18 14.63 6.19
N ASP A 372 -24.28 14.17 5.58
CA ASP A 372 -25.04 13.05 6.10
C ASP A 372 -25.00 11.89 5.11
N HIS A 373 -23.85 11.78 4.44
CA HIS A 373 -23.56 10.75 3.45
C HIS A 373 -22.05 10.53 3.42
N GLN A 374 -21.64 9.45 2.76
CA GLN A 374 -20.23 9.15 2.58
C GLN A 374 -19.54 10.15 1.65
N THR A 375 -18.27 10.44 1.95
CA THR A 375 -17.40 11.13 0.98
C THR A 375 -16.31 10.17 0.49
N GLY A 376 -15.06 10.64 0.40
CA GLY A 376 -14.01 9.92 -0.33
C GLY A 376 -13.73 8.53 0.20
N PRO A 377 -13.37 7.60 -0.69
CA PRO A 377 -13.07 6.22 -0.29
C PRO A 377 -11.62 6.04 0.17
N ILE A 378 -11.34 4.90 0.80
CA ILE A 378 -9.97 4.48 1.08
C ILE A 378 -9.39 3.87 -0.20
N VAL A 379 -8.28 4.45 -0.68
CA VAL A 379 -7.61 3.99 -1.90
C VAL A 379 -6.43 3.11 -1.49
N TRP A 380 -6.24 1.99 -2.21
CA TRP A 380 -5.19 1.03 -1.89
C TRP A 380 -4.87 0.20 -3.12
N GLY A 381 -3.83 -0.64 -3.04
CA GLY A 381 -3.49 -1.48 -4.17
C GLY A 381 -2.00 -1.79 -4.26
N GLU A 382 -1.72 -2.86 -4.99
CA GLU A 382 -0.35 -3.25 -5.36
C GLU A 382 -0.38 -3.63 -6.84
N PRO A 383 0.75 -3.54 -7.54
CA PRO A 383 0.75 -3.91 -8.96
C PRO A 383 0.47 -5.40 -9.21
N GLY A 384 -0.19 -5.69 -10.33
CA GLY A 384 -0.31 -7.07 -10.80
C GLY A 384 0.98 -7.50 -11.48
N THR A 385 1.35 -8.79 -11.43
CA THR A 385 0.56 -9.88 -10.83
C THR A 385 0.76 -10.10 -9.33
N ASN A 386 1.62 -9.28 -8.71
CA ASN A 386 1.94 -9.40 -7.27
C ASN A 386 0.68 -9.52 -6.41
N GLY A 387 -0.25 -8.58 -6.56
CA GLY A 387 -1.50 -8.60 -5.81
C GLY A 387 -2.31 -9.90 -5.83
N GLN A 388 -2.30 -10.61 -6.97
CA GLN A 388 -3.03 -11.88 -7.13
C GLN A 388 -2.64 -12.92 -6.12
N HIS A 389 -1.36 -12.86 -5.72
CA HIS A 389 -0.78 -13.86 -4.85
C HIS A 389 -0.71 -13.32 -3.43
N ALA A 390 -1.33 -12.16 -3.22
CA ALA A 390 -1.40 -11.59 -1.88
C ALA A 390 -2.83 -11.52 -1.37
N PHE A 391 -3.68 -10.76 -2.06
CA PHE A 391 -4.98 -10.41 -1.50
C PHE A 391 -6.18 -10.66 -2.40
N TYR A 392 -5.97 -11.17 -3.62
CA TYR A 392 -7.13 -11.34 -4.49
C TYR A 392 -8.07 -12.43 -3.96
N GLN A 393 -7.57 -13.31 -3.10
CA GLN A 393 -8.46 -14.28 -2.41
C GLN A 393 -9.65 -13.56 -1.78
N LEU A 394 -9.40 -12.45 -1.10
CA LEU A 394 -10.46 -11.71 -0.43
C LEU A 394 -11.37 -10.99 -1.46
N ILE A 395 -10.78 -10.52 -2.56
CA ILE A 395 -11.58 -9.86 -3.59
C ILE A 395 -12.59 -10.84 -4.23
N HIS A 396 -12.14 -12.08 -4.47
CA HIS A 396 -12.98 -13.10 -5.11
C HIS A 396 -14.00 -13.75 -4.16
N GLN A 397 -13.60 -13.95 -2.90
CA GLN A 397 -14.36 -14.84 -2.00
C GLN A 397 -14.51 -14.33 -0.57
N GLY A 398 -14.21 -13.05 -0.35
CA GLY A 398 -14.49 -12.39 0.92
C GLY A 398 -15.93 -11.88 1.02
N THR A 399 -16.16 -10.97 1.97
CA THR A 399 -17.50 -10.41 2.19
C THR A 399 -17.62 -8.91 1.89
N LYS A 400 -16.64 -8.35 1.18
CA LYS A 400 -16.61 -6.93 0.82
C LYS A 400 -16.79 -6.77 -0.68
N MET A 401 -17.54 -5.74 -1.07
CA MET A 401 -17.59 -5.30 -2.46
C MET A 401 -16.51 -4.23 -2.64
N ILE A 402 -15.66 -4.42 -3.64
CA ILE A 402 -14.47 -3.59 -3.84
C ILE A 402 -14.34 -3.21 -5.31
N PRO A 403 -14.79 -2.01 -5.67
CA PRO A 403 -14.54 -1.55 -7.04
C PRO A 403 -13.03 -1.53 -7.30
N CYS A 404 -12.60 -2.09 -8.42
CA CYS A 404 -11.17 -2.11 -8.80
C CYS A 404 -10.98 -1.46 -10.17
N ASP A 405 -9.93 -0.64 -10.31
CA ASP A 405 -9.44 -0.23 -11.64
C ASP A 405 -8.20 -1.05 -11.98
N PHE A 406 -8.27 -1.84 -13.04
CA PHE A 406 -7.11 -2.58 -13.58
C PHE A 406 -6.51 -1.72 -14.72
N LEU A 407 -5.19 -1.49 -14.69
CA LEU A 407 -4.51 -0.68 -15.70
C LEU A 407 -3.37 -1.46 -16.34
N ILE A 408 -3.15 -1.29 -17.65
CA ILE A 408 -1.97 -1.93 -18.31
C ILE A 408 -1.60 -1.26 -19.64
N PRO A 409 -0.29 -1.14 -19.92
CA PRO A 409 0.15 -0.82 -21.30
C PRO A 409 0.16 -2.05 -22.21
N VAL A 410 -0.30 -1.86 -23.45
CA VAL A 410 -0.24 -2.91 -24.47
C VAL A 410 1.22 -3.25 -24.80
N GLN A 411 2.03 -2.21 -25.02
CA GLN A 411 3.48 -2.36 -25.31
C GLN A 411 4.32 -2.24 -24.04
N THR A 412 5.13 -3.27 -23.79
CA THR A 412 6.09 -3.24 -22.69
C THR A 412 7.39 -2.49 -23.05
N GLN A 413 8.02 -1.90 -22.03
CA GLN A 413 9.33 -1.29 -22.18
C GLN A 413 10.45 -2.34 -22.28
N HIS A 414 10.14 -3.58 -21.92
CA HIS A 414 11.15 -4.66 -21.93
C HIS A 414 10.58 -5.94 -22.54
N PRO A 415 10.51 -6.02 -23.87
CA PRO A 415 9.91 -7.18 -24.56
C PRO A 415 10.85 -8.37 -24.61
N ILE A 416 11.27 -8.83 -23.42
CA ILE A 416 12.19 -9.95 -23.30
C ILE A 416 11.55 -11.29 -23.68
N ARG A 417 12.39 -12.29 -24.00
CA ARG A 417 11.90 -13.63 -24.37
C ARG A 417 10.86 -13.57 -25.49
N LYS A 418 11.10 -12.69 -26.46
CA LYS A 418 10.20 -12.49 -27.60
C LYS A 418 8.76 -12.18 -27.19
N GLY A 419 8.62 -11.51 -26.05
CA GLY A 419 7.32 -11.05 -25.58
C GLY A 419 6.59 -11.98 -24.64
N LEU A 420 7.24 -13.07 -24.22
CA LEU A 420 6.60 -14.11 -23.41
C LEU A 420 6.09 -13.59 -22.06
N HIS A 421 6.91 -12.80 -21.37
CA HIS A 421 6.53 -12.26 -20.07
C HIS A 421 5.29 -11.36 -20.18
N HIS A 422 5.27 -10.49 -21.19
CA HIS A 422 4.17 -9.55 -21.35
C HIS A 422 2.89 -10.23 -21.81
N LYS A 423 3.05 -11.26 -22.63
CA LYS A 423 1.91 -12.11 -23.00
C LYS A 423 1.21 -12.71 -21.76
N ILE A 424 2.00 -13.24 -20.82
CA ILE A 424 1.50 -13.84 -19.59
C ILE A 424 0.87 -12.73 -18.72
N LEU A 425 1.55 -11.60 -18.59
CA LEU A 425 1.01 -10.46 -17.85
C LEU A 425 -0.36 -10.02 -18.35
N LEU A 426 -0.46 -9.78 -19.66
CA LEU A 426 -1.73 -9.43 -20.32
C LEU A 426 -2.82 -10.49 -20.07
N ALA A 427 -2.49 -11.78 -20.20
CA ALA A 427 -3.46 -12.85 -19.96
C ALA A 427 -4.07 -12.79 -18.55
N ASN A 428 -3.22 -12.56 -17.55
CA ASN A 428 -3.68 -12.40 -16.17
C ASN A 428 -4.54 -11.15 -15.96
N PHE A 429 -4.13 -10.03 -16.58
CA PHE A 429 -4.90 -8.80 -16.56
C PHE A 429 -6.34 -9.03 -17.06
N LEU A 430 -6.45 -9.71 -18.19
CA LEU A 430 -7.76 -10.00 -18.79
C LEU A 430 -8.56 -11.04 -18.00
N ALA A 431 -7.89 -12.10 -17.55
CA ALA A 431 -8.57 -13.18 -16.85
C ALA A 431 -9.13 -12.78 -15.49
N GLN A 432 -8.42 -11.91 -14.77
CA GLN A 432 -8.89 -11.54 -13.44
C GLN A 432 -10.22 -10.78 -13.47
N THR A 433 -10.39 -9.84 -14.39
CA THR A 433 -11.65 -9.09 -14.45
C THR A 433 -12.75 -9.97 -14.99
N GLU A 434 -12.38 -10.89 -15.89
CA GLU A 434 -13.36 -11.87 -16.41
C GLU A 434 -13.84 -12.77 -15.28
N ALA A 435 -12.90 -13.25 -14.46
CA ALA A 435 -13.23 -14.10 -13.31
C ALA A 435 -14.10 -13.39 -12.27
N LEU A 436 -13.73 -12.14 -11.97
CA LEU A 436 -14.49 -11.33 -11.02
C LEU A 436 -15.93 -11.12 -11.48
N MET A 437 -16.09 -10.91 -12.79
CA MET A 437 -17.40 -10.74 -13.40
C MET A 437 -18.23 -12.05 -13.39
N LYS A 438 -17.64 -13.11 -13.92
CA LYS A 438 -18.37 -14.33 -14.26
C LYS A 438 -18.63 -15.24 -13.05
N GLY A 439 -17.62 -15.43 -12.20
CA GLY A 439 -17.70 -16.36 -11.10
C GLY A 439 -17.72 -17.80 -11.59
N LYS A 440 -18.13 -18.71 -10.71
CA LYS A 440 -18.25 -20.13 -11.01
C LYS A 440 -19.45 -20.65 -10.20
N LEU A 441 -20.47 -21.11 -10.93
CA LEU A 441 -21.69 -21.65 -10.32
C LEU A 441 -21.44 -23.01 -9.67
N PRO A 442 -22.24 -23.35 -8.67
CA PRO A 442 -22.16 -24.68 -8.02
C PRO A 442 -22.18 -25.83 -9.02
N GLU A 443 -23.07 -25.76 -10.02
CA GLU A 443 -23.14 -26.82 -11.05
C GLU A 443 -21.86 -26.92 -11.87
N GLU A 444 -21.22 -25.77 -12.16
CA GLU A 444 -19.94 -25.76 -12.86
C GLU A 444 -18.82 -26.34 -12.00
N ALA A 445 -18.80 -25.95 -10.72
CA ALA A 445 -17.79 -26.49 -9.79
C ALA A 445 -17.98 -27.99 -9.56
N ARG A 446 -19.24 -28.44 -9.51
CA ARG A 446 -19.55 -29.87 -9.34
C ARG A 446 -19.02 -30.75 -10.47
N LYS A 447 -19.25 -30.33 -11.72
CA LYS A 447 -18.72 -31.02 -12.89
C LYS A 447 -17.21 -31.07 -12.92
N GLU A 448 -16.55 -30.02 -12.44
CA GLU A 448 -15.08 -29.99 -12.39
C GLU A 448 -14.56 -31.03 -11.39
N LEU A 449 -15.24 -31.12 -10.25
CA LEU A 449 -14.86 -32.07 -9.21
C LEU A 449 -15.13 -33.50 -9.67
N GLN A 450 -16.25 -33.70 -10.36
CA GLN A 450 -16.62 -35.02 -10.92
C GLN A 450 -15.55 -35.50 -11.88
N ALA A 451 -15.13 -34.60 -12.78
CA ALA A 451 -14.11 -34.89 -13.79
C ALA A 451 -12.71 -35.10 -13.19
N ALA A 452 -12.49 -34.54 -12.00
CA ALA A 452 -11.22 -34.69 -11.30
C ALA A 452 -11.10 -36.04 -10.58
N GLY A 453 -12.17 -36.83 -10.64
CA GLY A 453 -12.19 -38.16 -10.09
C GLY A 453 -12.44 -38.21 -8.59
N LYS A 454 -13.18 -37.23 -8.08
CA LYS A 454 -13.48 -37.12 -6.66
C LYS A 454 -14.69 -37.98 -6.30
N SER A 455 -14.64 -38.60 -5.11
CA SER A 455 -15.74 -39.41 -4.59
C SER A 455 -16.91 -38.51 -4.17
N PRO A 456 -18.14 -39.03 -4.23
CA PRO A 456 -19.32 -38.27 -3.80
C PRO A 456 -19.18 -37.65 -2.41
N GLU A 457 -18.48 -38.34 -1.50
CA GLU A 457 -18.26 -37.84 -0.14
C GLU A 457 -17.33 -36.61 -0.12
N ASP A 458 -16.15 -36.75 -0.73
CA ASP A 458 -15.18 -35.66 -0.83
C ASP A 458 -15.73 -34.49 -1.66
N LEU A 459 -16.53 -34.81 -2.68
CA LEU A 459 -17.14 -33.81 -3.55
C LEU A 459 -18.06 -32.84 -2.79
N GLU A 460 -18.97 -33.38 -1.98
CA GLU A 460 -19.96 -32.57 -1.28
C GLU A 460 -19.34 -31.66 -0.22
N LYS A 461 -18.29 -32.14 0.43
CA LYS A 461 -17.59 -31.38 1.47
C LYS A 461 -16.84 -30.19 0.86
N LEU A 462 -16.21 -30.41 -0.29
CA LEU A 462 -15.41 -29.39 -0.97
C LEU A 462 -16.21 -28.38 -1.80
N LEU A 463 -17.37 -28.81 -2.30
CA LEU A 463 -18.13 -28.04 -3.29
C LEU A 463 -18.32 -26.54 -2.97
N PRO A 464 -18.92 -26.20 -1.81
CA PRO A 464 -19.25 -24.80 -1.55
C PRO A 464 -17.99 -23.89 -1.53
N HIS A 465 -16.86 -24.45 -1.09
CA HIS A 465 -15.60 -23.70 -1.06
C HIS A 465 -15.05 -23.38 -2.45
N LYS A 466 -15.52 -24.12 -3.45
CA LYS A 466 -15.01 -24.00 -4.83
C LYS A 466 -15.88 -23.08 -5.71
N VAL A 467 -16.94 -22.55 -5.10
CA VAL A 467 -17.91 -21.69 -5.77
C VAL A 467 -17.47 -20.22 -5.69
N PHE A 468 -17.60 -19.52 -6.82
CA PHE A 468 -17.29 -18.09 -6.92
C PHE A 468 -18.58 -17.36 -7.27
N GLU A 469 -19.05 -16.51 -6.38
CA GLU A 469 -20.33 -15.83 -6.60
C GLU A 469 -20.30 -14.80 -7.73
N GLY A 470 -19.10 -14.29 -8.04
CA GLY A 470 -18.91 -13.37 -9.14
C GLY A 470 -19.67 -12.09 -8.91
N ASN A 471 -20.05 -11.44 -10.02
CA ASN A 471 -20.77 -10.17 -9.97
C ASN A 471 -19.96 -9.06 -9.29
N ARG A 472 -18.64 -9.16 -9.41
CA ARG A 472 -17.74 -8.17 -8.81
C ARG A 472 -17.20 -7.23 -9.90
N PRO A 473 -17.53 -5.94 -9.79
CA PRO A 473 -17.33 -4.99 -10.88
C PRO A 473 -15.92 -4.39 -10.97
N THR A 474 -15.48 -4.18 -12.22
CA THR A 474 -14.16 -3.58 -12.46
C THR A 474 -14.22 -2.57 -13.61
N ASN A 475 -13.22 -1.68 -13.64
CA ASN A 475 -12.87 -0.91 -14.83
C ASN A 475 -11.58 -1.49 -15.39
N SER A 476 -11.45 -1.55 -16.72
CA SER A 476 -10.16 -1.88 -17.35
C SER A 476 -9.71 -0.68 -18.14
N ILE A 477 -8.51 -0.20 -17.85
CA ILE A 477 -7.95 0.98 -18.51
C ILE A 477 -6.66 0.53 -19.21
N VAL A 478 -6.68 0.54 -20.54
CA VAL A 478 -5.60 -0.03 -21.34
C VAL A 478 -5.08 1.04 -22.28
N PHE A 479 -3.75 1.14 -22.42
CA PHE A 479 -3.20 2.25 -23.19
C PHE A 479 -2.04 1.70 -24.04
N THR A 480 -1.74 2.36 -25.16
CA THR A 480 -0.75 1.84 -26.12
C THR A 480 0.59 1.49 -25.46
N LYS A 481 1.11 2.42 -24.66
CA LYS A 481 2.41 2.28 -24.02
C LYS A 481 2.50 3.31 -22.89
N LEU A 482 3.23 2.97 -21.82
CA LEU A 482 3.43 3.98 -20.76
C LEU A 482 4.61 4.94 -21.05
N THR A 483 4.34 5.91 -21.93
CA THR A 483 5.28 6.96 -22.25
C THR A 483 5.06 8.13 -21.30
N PRO A 484 5.98 9.09 -21.27
CA PRO A 484 5.74 10.31 -20.48
C PRO A 484 4.38 10.98 -20.80
N PHE A 485 4.06 11.11 -22.08
CA PHE A 485 2.80 11.72 -22.49
C PHE A 485 1.59 10.96 -21.94
N ILE A 486 1.57 9.65 -22.14
CA ILE A 486 0.42 8.85 -21.70
C ILE A 486 0.30 8.88 -20.15
N LEU A 487 1.44 8.80 -19.46
CA LEU A 487 1.42 8.90 -18.00
C LEU A 487 0.79 10.21 -17.53
N GLY A 488 1.19 11.31 -18.17
CA GLY A 488 0.62 12.63 -17.85
C GLY A 488 -0.90 12.64 -18.01
N ALA A 489 -1.37 12.02 -19.10
CA ALA A 489 -2.80 11.94 -19.37
C ALA A 489 -3.55 11.13 -18.31
N LEU A 490 -2.95 10.01 -17.90
CA LEU A 490 -3.56 9.16 -16.87
C LEU A 490 -3.66 9.87 -15.51
N ILE A 491 -2.59 10.55 -15.10
CA ILE A 491 -2.59 11.24 -13.81
C ILE A 491 -3.66 12.34 -13.82
N ALA A 492 -3.69 13.12 -14.89
CA ALA A 492 -4.69 14.18 -14.98
C ALA A 492 -6.13 13.61 -15.01
N MET A 493 -6.33 12.45 -15.62
CA MET A 493 -7.66 11.84 -15.67
C MET A 493 -8.18 11.59 -14.24
N TYR A 494 -7.32 11.05 -13.38
CA TYR A 494 -7.72 10.79 -12.00
C TYR A 494 -7.85 12.07 -11.20
N GLU A 495 -6.99 13.06 -11.47
CA GLU A 495 -7.14 14.38 -10.85
C GLU A 495 -8.58 14.90 -11.10
N HIS A 496 -9.03 14.81 -12.37
CA HIS A 496 -10.36 15.29 -12.70
C HIS A 496 -11.52 14.44 -12.16
N LYS A 497 -11.33 13.12 -12.09
CA LYS A 497 -12.30 12.26 -11.40
C LYS A 497 -12.52 12.77 -9.97
N ILE A 498 -11.40 12.98 -9.25
CA ILE A 498 -11.43 13.48 -7.87
C ILE A 498 -12.18 14.82 -7.76
N PHE A 499 -11.91 15.73 -8.69
CA PHE A 499 -12.59 17.03 -8.77
C PHE A 499 -14.11 16.85 -8.90
N VAL A 500 -14.54 16.04 -9.87
CA VAL A 500 -15.96 15.82 -10.13
C VAL A 500 -16.66 15.26 -8.88
N GLN A 501 -16.04 14.27 -8.23
CA GLN A 501 -16.64 13.72 -7.02
C GLN A 501 -16.78 14.77 -5.90
N GLY A 502 -15.76 15.58 -5.69
CA GLY A 502 -15.80 16.63 -4.69
C GLY A 502 -16.94 17.60 -4.94
N ILE A 503 -17.12 18.02 -6.20
CA ILE A 503 -18.23 18.93 -6.54
C ILE A 503 -19.57 18.30 -6.24
N MET A 504 -19.73 17.02 -6.59
CA MET A 504 -21.01 16.34 -6.36
C MET A 504 -21.32 16.20 -4.86
N TRP A 505 -20.28 16.02 -4.04
CA TRP A 505 -20.43 15.95 -2.58
C TRP A 505 -20.52 17.33 -1.92
N ASP A 506 -20.33 18.39 -2.70
CA ASP A 506 -20.35 19.77 -2.20
C ASP A 506 -19.25 20.07 -1.18
N ILE A 507 -18.10 19.40 -1.30
CA ILE A 507 -16.98 19.64 -0.42
C ILE A 507 -15.85 20.37 -1.14
N ASN A 508 -14.85 20.81 -0.36
CA ASN A 508 -13.65 21.44 -0.91
C ASN A 508 -12.54 20.44 -1.10
N SER A 509 -12.30 20.04 -2.35
CA SER A 509 -11.26 19.05 -2.66
C SER A 509 -9.84 19.59 -2.47
N PHE A 510 -9.71 20.88 -2.16
CA PHE A 510 -8.43 21.57 -2.30
C PHE A 510 -7.78 22.12 -1.03
N ASP A 511 -8.47 21.95 0.10
CA ASP A 511 -7.88 22.29 1.40
C ASP A 511 -7.47 21.02 2.17
N GLN A 512 -6.92 21.19 3.36
CA GLN A 512 -6.49 20.05 4.20
C GLN A 512 -6.35 20.48 5.67
N TRP A 513 -7.46 20.91 6.26
CA TRP A 513 -7.42 21.35 7.64
C TRP A 513 -7.17 20.20 8.62
N GLY A 514 -7.39 18.97 8.15
CA GLY A 514 -7.35 17.78 8.99
C GLY A 514 -5.97 17.32 9.40
N VAL A 515 -4.94 17.96 8.86
CA VAL A 515 -3.57 17.65 9.27
C VAL A 515 -3.05 18.54 10.42
N GLU A 516 -3.80 19.60 10.79
CA GLU A 516 -3.29 20.59 11.73
C GLU A 516 -3.15 20.06 13.16
N LEU A 517 -4.17 19.35 13.64
CA LEU A 517 -4.17 18.94 15.05
C LEU A 517 -2.95 18.07 15.44
N GLY A 518 -2.61 17.09 14.60
CA GLY A 518 -1.47 16.22 14.85
C GLY A 518 -0.15 16.98 14.96
N LYS A 519 0.02 18.01 14.12
CA LYS A 519 1.23 18.82 14.17
C LYS A 519 1.32 19.59 15.49
N GLN A 520 0.17 20.12 15.93
CA GLN A 520 0.12 20.90 17.17
C GLN A 520 0.46 20.04 18.36
N LEU A 521 -0.15 18.85 18.42
CA LEU A 521 0.06 17.99 19.58
C LEU A 521 1.48 17.43 19.61
N ALA A 522 2.12 17.27 18.44
CA ALA A 522 3.49 16.77 18.41
C ALA A 522 4.48 17.79 18.95
N LYS A 523 4.26 19.06 18.63
CA LYS A 523 5.11 20.15 19.13
C LYS A 523 5.06 20.27 20.64
N LYS A 524 3.94 19.87 21.24
CA LYS A 524 3.78 19.91 22.69
C LYS A 524 4.52 18.76 23.37
N ILE A 525 4.52 17.60 22.71
CA ILE A 525 5.16 16.42 23.27
C ILE A 525 6.69 16.46 23.16
N GLU A 526 7.22 17.10 22.12
CA GLU A 526 8.68 17.10 21.86
C GLU A 526 9.51 17.43 23.11
N PRO A 527 9.26 18.57 23.76
CA PRO A 527 10.04 18.94 24.96
C PRO A 527 9.83 18.01 26.16
N GLU A 528 8.67 17.37 26.25
CA GLU A 528 8.37 16.48 27.37
C GLU A 528 9.15 15.18 27.34
N LEU A 529 9.62 14.81 26.14
CA LEU A 529 10.43 13.61 25.99
C LEU A 529 11.84 13.82 26.55
N GLU A 530 12.30 15.07 26.62
CA GLU A 530 13.62 15.38 27.15
C GLU A 530 13.65 15.21 28.67
N GLY A 531 14.70 14.58 29.19
CA GLY A 531 14.84 14.38 30.62
C GLY A 531 14.13 13.13 31.11
N SER A 532 14.32 12.79 32.38
CA SER A 532 13.81 11.52 32.90
C SER A 532 12.57 11.63 33.80
N SER A 533 12.06 12.86 33.96
CA SER A 533 10.86 13.08 34.78
C SER A 533 9.59 12.53 34.13
N ALA A 534 8.67 12.03 34.96
CA ALA A 534 7.39 11.50 34.50
C ALA A 534 6.53 12.62 33.90
N VAL A 535 5.77 12.29 32.87
CA VAL A 535 4.82 13.23 32.28
C VAL A 535 3.42 12.87 32.75
N THR A 536 2.67 13.87 33.20
CA THR A 536 1.33 13.67 33.77
C THR A 536 0.29 14.55 33.10
N SER A 537 0.70 15.33 32.10
CA SER A 537 -0.15 16.37 31.52
C SER A 537 -1.22 15.90 30.51
N HIS A 538 -1.16 14.63 30.10
CA HIS A 538 -2.08 14.11 29.08
C HIS A 538 -3.03 13.08 29.67
N ASP A 539 -3.83 12.45 28.81
CA ASP A 539 -4.60 11.28 29.20
C ASP A 539 -3.62 10.19 29.66
N SER A 540 -4.13 9.19 30.37
CA SER A 540 -3.28 8.15 30.94
C SER A 540 -2.55 7.25 29.93
N SER A 541 -3.11 7.10 28.72
CA SER A 541 -2.40 6.35 27.67
C SER A 541 -1.16 7.08 27.19
N THR A 542 -1.32 8.32 26.74
CA THR A 542 -0.20 9.15 26.31
C THR A 542 0.85 9.21 27.41
N ASN A 543 0.42 9.45 28.65
CA ASN A 543 1.35 9.47 29.79
C ASN A 543 2.09 8.14 29.95
N GLY A 544 1.36 7.03 29.81
CA GLY A 544 1.91 5.69 30.01
C GLY A 544 2.88 5.28 28.93
N LEU A 545 2.56 5.69 27.71
CA LEU A 545 3.44 5.43 26.56
C LEU A 545 4.74 6.22 26.71
N ILE A 546 4.65 7.46 27.16
CA ILE A 546 5.84 8.27 27.45
C ILE A 546 6.70 7.64 28.56
N SER A 547 6.06 7.12 29.60
CA SER A 547 6.78 6.42 30.68
C SER A 547 7.57 5.23 30.17
N PHE A 548 6.92 4.42 29.34
CA PHE A 548 7.57 3.29 28.69
C PHE A 548 8.77 3.73 27.87
N ILE A 549 8.60 4.78 27.06
CA ILE A 549 9.69 5.28 26.25
C ILE A 549 10.88 5.70 27.14
N LYS A 550 10.61 6.44 28.20
CA LYS A 550 11.68 6.91 29.07
C LYS A 550 12.37 5.75 29.79
N GLN A 551 11.59 4.75 30.20
CA GLN A 551 12.11 3.56 30.87
C GLN A 551 12.97 2.68 29.95
N GLN A 552 12.54 2.55 28.70
CA GLN A 552 13.20 1.63 27.76
C GLN A 552 14.34 2.26 26.93
N ARG A 553 14.44 3.58 26.99
CA ARG A 553 15.45 4.41 26.34
C ARG A 553 16.89 3.87 26.40
N ASP A 554 17.30 3.40 27.57
CA ASP A 554 18.72 3.12 27.83
C ASP A 554 19.01 1.66 28.20
N THR A 555 18.04 0.79 27.97
CA THR A 555 18.25 -0.64 28.14
C THR A 555 19.24 -1.11 27.08
N LYS A 556 20.40 -1.60 27.52
CA LYS A 556 21.43 -2.09 26.60
C LYS A 556 21.14 -3.54 26.24
N LEU A 557 20.47 -3.74 25.10
CA LEU A 557 20.04 -5.06 24.66
C LEU A 557 21.22 -5.94 24.22
N ALA B 2 -25.13 -19.48 10.06
CA ALA B 2 -23.68 -19.44 10.38
C ALA B 2 -23.46 -19.49 11.89
N ALA B 3 -22.41 -20.21 12.30
CA ALA B 3 -22.11 -20.41 13.73
C ALA B 3 -22.02 -19.13 14.55
N LEU B 4 -21.27 -18.14 14.07
CA LEU B 4 -21.10 -16.90 14.84
C LEU B 4 -22.43 -16.18 15.15
N THR B 5 -23.30 -16.07 14.14
CA THR B 5 -24.54 -15.32 14.29
C THR B 5 -25.54 -16.05 15.20
N ARG B 6 -25.38 -17.37 15.30
CA ARG B 6 -26.27 -18.19 16.13
C ARG B 6 -25.75 -18.31 17.56
N ASN B 7 -24.55 -17.80 17.79
CA ASN B 7 -23.92 -17.84 19.11
C ASN B 7 -24.52 -16.80 20.06
N PRO B 8 -24.97 -17.23 21.25
CA PRO B 8 -25.61 -16.31 22.22
C PRO B 8 -24.68 -15.22 22.77
N GLN B 9 -23.39 -15.51 22.91
CA GLN B 9 -22.43 -14.52 23.38
C GLN B 9 -22.30 -13.41 22.34
N PHE B 10 -22.39 -13.77 21.05
CA PHE B 10 -22.34 -12.78 19.97
C PHE B 10 -23.58 -11.90 19.92
N GLN B 11 -24.75 -12.55 20.03
CA GLN B 11 -26.00 -11.82 20.04
C GLN B 11 -26.06 -10.84 21.22
N LYS B 12 -25.52 -11.24 22.38
CA LYS B 12 -25.43 -10.34 23.53
C LYS B 12 -24.55 -9.11 23.23
N LEU B 13 -23.38 -9.35 22.62
CA LEU B 13 -22.47 -8.27 22.25
C LEU B 13 -23.14 -7.31 21.27
N LEU B 14 -23.77 -7.84 20.24
CA LEU B 14 -24.50 -7.04 19.26
C LEU B 14 -25.60 -6.19 19.89
N GLU B 15 -26.40 -6.80 20.77
CA GLU B 15 -27.47 -6.08 21.46
C GLU B 15 -26.91 -4.97 22.35
N TRP B 16 -25.79 -5.23 23.01
CA TRP B 16 -25.15 -4.22 23.85
C TRP B 16 -24.67 -3.06 22.97
N HIS B 17 -24.03 -3.40 21.85
CA HIS B 17 -23.59 -2.39 20.89
C HIS B 17 -24.76 -1.50 20.43
N ARG B 18 -25.87 -2.13 20.04
CA ARG B 18 -27.04 -1.39 19.56
C ARG B 18 -27.57 -0.40 20.61
N ALA B 19 -27.54 -0.81 21.88
CA ALA B 19 -28.09 0.01 22.95
C ALA B 19 -27.13 1.05 23.54
N ASN B 20 -25.82 0.75 23.53
CA ASN B 20 -24.84 1.54 24.28
C ASN B 20 -23.68 2.17 23.51
N SER B 21 -23.40 1.68 22.30
CA SER B 21 -22.19 2.11 21.56
C SER B 21 -22.17 3.60 21.26
N ALA B 22 -23.33 4.18 20.95
CA ALA B 22 -23.44 5.62 20.65
C ALA B 22 -22.98 6.51 21.81
N ASN B 23 -23.00 5.97 23.03
CA ASN B 23 -22.58 6.72 24.21
C ASN B 23 -21.14 6.46 24.67
N LEU B 24 -20.39 5.68 23.89
CA LEU B 24 -18.99 5.47 24.18
C LEU B 24 -18.18 6.60 23.56
N LYS B 25 -17.54 7.36 24.43
CA LYS B 25 -16.71 8.48 24.04
C LYS B 25 -15.35 8.31 24.71
N LEU B 26 -14.29 8.20 23.91
CA LEU B 26 -12.95 7.94 24.44
C LEU B 26 -12.51 8.98 25.48
N ARG B 27 -12.74 10.27 25.18
CA ARG B 27 -12.45 11.36 26.11
C ARG B 27 -13.09 11.11 27.48
N GLU B 28 -14.35 10.71 27.48
CA GLU B 28 -15.10 10.46 28.71
C GLU B 28 -14.62 9.22 29.44
N LEU B 29 -14.23 8.20 28.67
CA LEU B 29 -13.72 6.95 29.25
C LEU B 29 -12.44 7.19 30.03
N PHE B 30 -11.58 8.06 29.52
CA PHE B 30 -10.32 8.38 30.17
C PHE B 30 -10.54 9.31 31.37
N GLU B 31 -11.49 10.23 31.24
CA GLU B 31 -11.83 11.17 32.31
C GLU B 31 -12.40 10.47 33.54
N ALA B 32 -13.24 9.45 33.31
CA ALA B 32 -13.89 8.72 34.39
C ALA B 32 -12.99 7.72 35.12
N ASP B 33 -11.93 7.26 34.45
CA ASP B 33 -11.09 6.18 34.97
C ASP B 33 -9.58 6.46 34.83
N PRO B 34 -8.97 7.00 35.88
CA PRO B 34 -7.51 7.23 35.92
C PRO B 34 -6.64 5.96 35.76
N GLU B 35 -7.19 4.79 36.03
CA GLU B 35 -6.44 3.55 35.89
C GLU B 35 -6.58 2.95 34.47
N ARG B 36 -7.12 3.72 33.53
CA ARG B 36 -7.48 3.16 32.23
C ARG B 36 -6.31 2.56 31.47
N PHE B 37 -5.22 3.32 31.35
CA PHE B 37 -4.02 2.78 30.69
C PHE B 37 -3.54 1.50 31.37
N ASN B 38 -3.49 1.52 32.70
CA ASN B 38 -3.03 0.36 33.46
C ASN B 38 -3.85 -0.90 33.20
N ASN B 39 -5.16 -0.72 33.11
CA ASN B 39 -6.06 -1.86 33.01
C ASN B 39 -6.35 -2.30 31.58
N PHE B 40 -5.97 -1.48 30.61
CA PHE B 40 -6.23 -1.78 29.20
C PHE B 40 -4.94 -1.80 28.36
N SER B 41 -3.88 -2.37 28.94
CA SER B 41 -2.60 -2.57 28.26
C SER B 41 -1.86 -3.78 28.82
N LEU B 42 -0.96 -4.32 28.00
CA LEU B 42 -0.13 -5.45 28.36
C LEU B 42 1.34 -5.09 28.11
N ASN B 43 2.15 -5.15 29.17
CA ASN B 43 3.57 -4.89 29.08
C ASN B 43 4.30 -6.22 29.15
N LEU B 44 4.71 -6.70 27.98
CA LEU B 44 5.32 -8.03 27.87
C LEU B 44 6.83 -7.93 27.98
N ASN B 45 7.39 -8.60 28.98
CA ASN B 45 8.82 -8.72 29.13
C ASN B 45 9.29 -10.05 28.53
N THR B 46 9.99 -9.99 27.38
CA THR B 46 10.46 -11.21 26.71
C THR B 46 11.82 -11.71 27.18
N ASN B 47 12.45 -10.93 28.06
CA ASN B 47 13.86 -11.09 28.46
C ASN B 47 14.87 -10.65 27.38
N HIS B 48 14.35 -10.30 26.20
CA HIS B 48 15.14 -9.75 25.11
C HIS B 48 14.53 -8.43 24.61
N GLY B 49 13.98 -7.67 25.55
CA GLY B 49 13.25 -6.45 25.25
C GLY B 49 11.79 -6.55 25.66
N HIS B 50 11.12 -5.40 25.78
CA HIS B 50 9.71 -5.34 26.15
C HIS B 50 8.84 -5.01 24.94
N ILE B 51 7.63 -5.56 24.92
CA ILE B 51 6.61 -5.19 23.93
C ILE B 51 5.37 -4.72 24.70
N LEU B 52 5.04 -3.43 24.54
CA LEU B 52 3.87 -2.86 25.16
C LEU B 52 2.71 -2.82 24.17
N VAL B 53 1.63 -3.54 24.48
CA VAL B 53 0.42 -3.52 23.66
C VAL B 53 -0.61 -2.66 24.39
N ASP B 54 -0.69 -1.39 23.99
CA ASP B 54 -1.61 -0.44 24.65
C ASP B 54 -2.89 -0.36 23.84
N TYR B 55 -3.95 -1.01 24.34
CA TYR B 55 -5.25 -0.99 23.67
C TYR B 55 -6.29 -0.07 24.35
N SER B 56 -5.79 0.87 25.16
CA SER B 56 -6.64 1.70 25.98
C SER B 56 -7.40 2.76 25.18
N LYS B 57 -6.88 3.14 24.02
CA LYS B 57 -7.58 4.12 23.19
C LYS B 57 -8.61 3.46 22.26
N ASN B 58 -9.25 2.40 22.73
CA ASN B 58 -10.31 1.72 21.99
C ASN B 58 -11.69 1.99 22.61
N LEU B 59 -12.73 1.83 21.79
CA LEU B 59 -14.12 2.06 22.23
C LEU B 59 -14.65 0.85 22.99
N VAL B 60 -14.03 0.60 24.14
CA VAL B 60 -14.35 -0.55 24.99
C VAL B 60 -14.30 -0.14 26.47
N ASN B 61 -15.02 -0.90 27.29
CA ASN B 61 -14.90 -0.78 28.74
C ASN B 61 -14.73 -2.17 29.35
N LYS B 62 -14.81 -2.27 30.67
CA LYS B 62 -14.68 -3.56 31.35
C LYS B 62 -15.71 -4.57 30.86
N GLU B 63 -16.98 -4.16 30.79
CA GLU B 63 -18.06 -5.03 30.35
C GLU B 63 -17.83 -5.53 28.91
N VAL B 64 -17.43 -4.64 28.01
CA VAL B 64 -17.19 -5.04 26.61
C VAL B 64 -16.08 -6.10 26.47
N MET B 65 -14.96 -5.90 27.15
CA MET B 65 -13.86 -6.87 27.07
C MET B 65 -14.26 -8.22 27.62
N GLN B 66 -15.06 -8.19 28.69
CA GLN B 66 -15.58 -9.41 29.29
C GLN B 66 -16.48 -10.15 28.32
N MET B 67 -17.38 -9.43 27.66
CA MET B 67 -18.27 -10.01 26.67
C MET B 67 -17.47 -10.59 25.49
N LEU B 68 -16.40 -9.90 25.10
CA LEU B 68 -15.54 -10.35 24.01
C LEU B 68 -14.76 -11.64 24.33
N VAL B 69 -14.14 -11.68 25.50
CA VAL B 69 -13.42 -12.86 25.96
C VAL B 69 -14.38 -14.05 26.09
N GLU B 70 -15.60 -13.80 26.55
CA GLU B 70 -16.59 -14.87 26.66
C GLU B 70 -16.95 -15.45 25.30
N LEU B 71 -17.07 -14.58 24.29
CA LEU B 71 -17.34 -15.00 22.92
C LEU B 71 -16.20 -15.88 22.39
N ALA B 72 -14.96 -15.48 22.66
CA ALA B 72 -13.82 -16.27 22.20
C ALA B 72 -13.88 -17.67 22.81
N LYS B 73 -14.19 -17.74 24.11
CA LYS B 73 -14.30 -19.04 24.79
C LYS B 73 -15.38 -19.91 24.16
N SER B 74 -16.56 -19.34 23.96
CA SER B 74 -17.72 -20.08 23.46
C SER B 74 -17.69 -20.30 21.95
N ARG B 75 -16.67 -19.74 21.28
CA ARG B 75 -16.45 -20.07 19.87
C ARG B 75 -15.35 -21.12 19.70
N GLY B 76 -14.80 -21.59 20.84
CA GLY B 76 -13.86 -22.69 20.84
C GLY B 76 -12.40 -22.35 20.62
N VAL B 77 -12.03 -21.08 20.86
CA VAL B 77 -10.69 -20.60 20.58
C VAL B 77 -9.60 -21.37 21.31
N GLU B 78 -9.83 -21.71 22.58
CA GLU B 78 -8.84 -22.44 23.37
C GLU B 78 -8.57 -23.84 22.82
N ALA B 79 -9.64 -24.57 22.48
CA ALA B 79 -9.50 -25.93 21.94
C ALA B 79 -8.87 -25.94 20.54
N ALA B 80 -9.27 -24.99 19.69
CA ALA B 80 -8.72 -24.89 18.35
C ALA B 80 -7.22 -24.61 18.36
N ARG B 81 -6.78 -23.74 19.26
CA ARG B 81 -5.37 -23.39 19.41
C ARG B 81 -4.54 -24.62 19.76
N ASP B 82 -5.02 -25.37 20.76
CA ASP B 82 -4.35 -26.59 21.18
C ASP B 82 -4.25 -27.60 20.04
N ASN B 83 -5.29 -27.67 19.22
CA ASN B 83 -5.31 -28.54 18.06
C ASN B 83 -4.28 -28.14 17.00
N MET B 84 -4.08 -26.84 16.80
CA MET B 84 -3.02 -26.40 15.91
C MET B 84 -1.66 -26.84 16.42
N PHE B 85 -1.38 -26.55 17.69
CA PHE B 85 -0.09 -26.80 18.29
C PHE B 85 0.28 -28.29 18.35
N SER B 86 -0.74 -29.14 18.40
CA SER B 86 -0.52 -30.58 18.56
C SER B 86 -0.38 -31.34 17.24
N GLY B 87 -0.59 -30.65 16.12
CA GLY B 87 -0.45 -31.26 14.81
C GLY B 87 -1.72 -31.84 14.22
N SER B 88 -2.87 -31.53 14.82
CA SER B 88 -4.17 -31.91 14.28
C SER B 88 -4.36 -31.28 12.90
N LYS B 89 -5.10 -31.98 12.04
CA LYS B 89 -5.33 -31.54 10.66
C LYS B 89 -6.43 -30.47 10.56
N ILE B 90 -6.15 -29.29 11.12
CA ILE B 90 -7.15 -28.22 11.21
C ILE B 90 -7.42 -27.46 9.90
N ASN B 91 -6.53 -27.62 8.91
CA ASN B 91 -6.77 -27.16 7.55
C ASN B 91 -7.70 -28.22 6.91
N TYR B 92 -8.99 -28.08 7.19
CA TYR B 92 -9.95 -29.16 6.94
C TYR B 92 -10.39 -29.36 5.49
N THR B 93 -10.25 -28.35 4.63
CA THR B 93 -10.62 -28.53 3.23
C THR B 93 -9.51 -29.25 2.45
N GLU B 94 -8.27 -29.11 2.90
CA GLU B 94 -7.14 -29.80 2.26
C GLU B 94 -6.66 -31.01 3.08
N ASP B 95 -7.33 -31.28 4.19
CA ASP B 95 -6.93 -32.33 5.15
C ASP B 95 -5.43 -32.26 5.51
N ARG B 96 -5.03 -31.13 6.09
CA ARG B 96 -3.62 -30.86 6.37
C ARG B 96 -3.42 -30.30 7.77
N ALA B 97 -2.26 -30.59 8.36
CA ALA B 97 -1.85 -29.95 9.60
C ALA B 97 -1.48 -28.49 9.29
N VAL B 98 -1.34 -27.68 10.35
CA VAL B 98 -0.93 -26.26 10.20
C VAL B 98 0.16 -25.99 11.24
N LEU B 99 1.43 -26.04 10.80
CA LEU B 99 2.55 -26.13 11.73
C LEU B 99 3.70 -25.17 11.50
N HIS B 100 3.38 -23.92 11.20
CA HIS B 100 4.44 -22.90 11.21
C HIS B 100 5.09 -22.81 12.61
N VAL B 101 4.33 -23.16 13.66
CA VAL B 101 4.88 -23.16 15.02
C VAL B 101 6.00 -24.21 15.20
N ALA B 102 5.94 -25.30 14.44
CA ALA B 102 7.00 -26.32 14.49
C ALA B 102 8.30 -25.80 13.88
N LEU B 103 8.19 -24.97 12.85
CA LEU B 103 9.37 -24.44 12.18
C LEU B 103 10.29 -23.66 13.12
N ARG B 104 9.71 -23.02 14.13
CA ARG B 104 10.46 -22.22 15.08
C ARG B 104 10.37 -22.80 16.50
N ASN B 105 10.01 -24.08 16.60
CA ASN B 105 9.90 -24.77 17.89
C ASN B 105 11.28 -25.02 18.51
N ARG B 106 11.84 -23.98 19.12
CA ARG B 106 13.20 -24.03 19.66
C ARG B 106 13.34 -25.00 20.84
N SER B 107 12.24 -25.28 21.52
CA SER B 107 12.19 -26.22 22.65
C SER B 107 12.39 -27.67 22.22
N ASN B 108 12.14 -27.95 20.95
CA ASN B 108 12.24 -29.29 20.35
C ASN B 108 11.31 -30.36 20.95
N THR B 109 10.31 -29.93 21.72
CA THR B 109 9.25 -30.82 22.17
C THR B 109 8.59 -31.44 20.93
N PRO B 110 8.54 -32.77 20.86
CA PRO B 110 7.97 -33.45 19.69
C PRO B 110 6.58 -32.93 19.29
N ILE B 111 6.40 -32.74 17.98
CA ILE B 111 5.12 -32.41 17.42
C ILE B 111 4.87 -33.42 16.31
N LYS B 112 3.79 -34.19 16.45
CA LYS B 112 3.56 -35.33 15.57
C LYS B 112 2.53 -35.09 14.49
N VAL B 113 2.88 -35.47 13.26
CA VAL B 113 1.94 -35.55 12.15
C VAL B 113 1.97 -36.99 11.63
N ASP B 114 0.78 -37.60 11.57
CA ASP B 114 0.64 -39.02 11.22
C ASP B 114 1.52 -39.90 12.11
N GLY B 115 1.56 -39.55 13.40
CA GLY B 115 2.31 -40.31 14.39
C GLY B 115 3.82 -40.17 14.36
N LYS B 116 4.35 -39.31 13.48
CA LYS B 116 5.78 -39.09 13.38
C LYS B 116 6.15 -37.67 13.79
N ASP B 117 7.17 -37.55 14.63
CA ASP B 117 7.71 -36.26 15.07
C ASP B 117 8.35 -35.51 13.90
N VAL B 118 7.94 -34.26 13.71
CA VAL B 118 8.44 -33.45 12.59
C VAL B 118 9.74 -32.70 12.91
N MET B 119 10.08 -32.59 14.20
CA MET B 119 11.25 -31.82 14.60
C MET B 119 12.62 -32.24 14.00
N PRO B 120 12.93 -33.55 13.96
CA PRO B 120 14.18 -33.98 13.32
C PRO B 120 14.37 -33.43 11.89
N GLU B 121 13.30 -33.46 11.08
CA GLU B 121 13.34 -32.94 9.71
C GLU B 121 13.44 -31.41 9.64
N VAL B 122 12.67 -30.72 10.49
CA VAL B 122 12.80 -29.26 10.64
C VAL B 122 14.25 -28.90 10.95
N ASN B 123 14.87 -29.62 11.88
CA ASN B 123 16.22 -29.28 12.32
C ASN B 123 17.31 -29.62 11.31
N ARG B 124 17.07 -30.66 10.52
CA ARG B 124 17.97 -31.06 9.45
C ARG B 124 18.06 -29.97 8.37
N VAL B 125 16.90 -29.48 7.93
CA VAL B 125 16.87 -28.38 6.96
C VAL B 125 17.54 -27.11 7.51
N LEU B 126 17.28 -26.78 8.77
CA LEU B 126 17.94 -25.63 9.40
C LEU B 126 19.46 -25.78 9.43
N ASP B 127 19.92 -27.00 9.69
CA ASP B 127 21.35 -27.29 9.68
C ASP B 127 21.97 -27.11 8.30
N LYS B 128 21.26 -27.58 7.28
CA LYS B 128 21.68 -27.36 5.88
C LYS B 128 21.71 -25.88 5.52
N MET B 129 20.70 -25.12 5.96
CA MET B 129 20.68 -23.67 5.79
C MET B 129 21.93 -23.00 6.40
N LYS B 130 22.25 -23.35 7.65
CA LYS B 130 23.46 -22.89 8.32
C LYS B 130 24.74 -23.14 7.50
N SER B 131 24.88 -24.36 6.99
CA SER B 131 26.04 -24.74 6.17
C SER B 131 26.14 -23.88 4.91
N PHE B 132 25.00 -23.75 4.24
CA PHE B 132 24.88 -22.92 3.06
C PHE B 132 25.30 -21.47 3.34
N CYS B 133 24.79 -20.90 4.43
CA CYS B 133 25.18 -19.56 4.84
C CYS B 133 26.69 -19.39 5.09
N GLN B 134 27.31 -20.33 5.80
CA GLN B 134 28.77 -20.31 5.99
C GLN B 134 29.49 -20.27 4.65
N ARG B 135 29.07 -21.12 3.72
CA ARG B 135 29.76 -21.26 2.44
C ARG B 135 29.68 -19.97 1.63
N VAL B 136 28.48 -19.42 1.51
CA VAL B 136 28.29 -18.22 0.71
C VAL B 136 28.90 -16.97 1.36
N ARG B 137 28.57 -16.72 2.63
CA ARG B 137 29.02 -15.52 3.34
C ARG B 137 30.54 -15.44 3.52
N SER B 138 31.20 -16.58 3.68
CA SER B 138 32.65 -16.62 3.87
C SER B 138 33.42 -16.31 2.59
N GLY B 139 32.77 -16.56 1.45
CA GLY B 139 33.40 -16.42 0.16
C GLY B 139 33.91 -17.75 -0.37
N ASP B 140 33.70 -18.83 0.38
CA ASP B 140 34.16 -20.16 -0.04
C ASP B 140 33.37 -20.75 -1.21
N TRP B 141 32.09 -20.38 -1.32
CA TRP B 141 31.29 -20.78 -2.48
C TRP B 141 31.68 -19.91 -3.66
N LYS B 142 32.20 -20.55 -4.71
CA LYS B 142 32.70 -19.81 -5.87
C LYS B 142 31.78 -19.89 -7.07
N GLY B 143 31.74 -18.82 -7.84
CA GLY B 143 31.03 -18.83 -9.11
C GLY B 143 31.84 -19.53 -10.19
N TYR B 144 31.29 -19.62 -11.40
CA TYR B 144 31.89 -20.41 -12.48
C TYR B 144 33.29 -19.94 -12.95
N THR B 145 33.64 -18.70 -12.64
CA THR B 145 34.99 -18.20 -12.92
C THR B 145 35.88 -18.19 -11.68
N GLY B 146 35.39 -18.76 -10.58
CA GLY B 146 36.16 -18.88 -9.36
C GLY B 146 36.07 -17.72 -8.38
N LYS B 147 35.11 -16.82 -8.59
CA LYS B 147 34.94 -15.63 -7.73
C LYS B 147 33.87 -15.82 -6.65
N SER B 148 34.03 -15.12 -5.53
CA SER B 148 33.02 -15.14 -4.44
C SER B 148 31.71 -14.48 -4.89
N ILE B 149 30.62 -14.92 -4.29
CA ILE B 149 29.28 -14.41 -4.58
C ILE B 149 29.08 -13.07 -3.89
N THR B 150 28.57 -12.09 -4.64
CA THR B 150 28.32 -10.75 -4.12
C THR B 150 26.83 -10.42 -4.09
N ASP B 151 26.06 -11.18 -4.84
CA ASP B 151 24.63 -10.89 -5.01
C ASP B 151 23.78 -12.15 -4.93
N ILE B 152 22.71 -12.06 -4.15
CA ILE B 152 21.72 -13.14 -4.04
C ILE B 152 20.40 -12.63 -4.63
N ILE B 153 19.78 -13.46 -5.48
CA ILE B 153 18.51 -13.08 -6.12
C ILE B 153 17.45 -14.11 -5.79
N ASN B 154 16.48 -13.73 -4.98
CA ASN B 154 15.33 -14.57 -4.67
C ASN B 154 14.28 -14.43 -5.77
N ILE B 155 13.89 -15.55 -6.37
CA ILE B 155 12.83 -15.54 -7.38
C ILE B 155 11.66 -16.34 -6.84
N GLY B 156 10.52 -15.66 -6.68
CA GLY B 156 9.34 -16.27 -6.08
C GLY B 156 8.19 -15.28 -6.02
N ILE B 157 6.99 -15.77 -5.73
CA ILE B 157 5.80 -14.93 -5.67
C ILE B 157 5.01 -15.17 -4.40
N GLY B 158 4.21 -14.17 -3.99
CA GLY B 158 3.36 -14.28 -2.82
C GLY B 158 4.17 -14.63 -1.60
N GLY B 159 3.82 -15.75 -0.98
CA GLY B 159 4.49 -16.21 0.24
C GLY B 159 5.96 -16.56 0.04
N SER B 160 6.38 -16.79 -1.20
CA SER B 160 7.79 -17.04 -1.47
C SER B 160 8.59 -15.75 -1.70
N ASP B 161 7.92 -14.60 -1.61
CA ASP B 161 8.53 -13.30 -1.89
C ASP B 161 8.34 -12.29 -0.74
N LEU B 162 7.10 -12.09 -0.31
CA LEU B 162 6.78 -11.02 0.63
C LEU B 162 7.52 -11.09 1.97
N GLY B 163 7.60 -12.29 2.54
CA GLY B 163 8.25 -12.51 3.82
C GLY B 163 9.72 -12.19 3.80
N PRO B 164 10.49 -12.89 2.95
CA PRO B 164 11.92 -12.58 2.81
C PRO B 164 12.21 -11.10 2.46
N LEU B 165 11.40 -10.50 1.59
CA LEU B 165 11.58 -9.08 1.29
C LEU B 165 11.33 -8.21 2.53
N MET B 166 10.20 -8.41 3.19
CA MET B 166 9.85 -7.54 4.32
C MET B 166 10.89 -7.67 5.44
N VAL B 167 11.33 -8.90 5.71
CA VAL B 167 12.27 -9.13 6.81
C VAL B 167 13.68 -8.61 6.51
N THR B 168 14.19 -8.86 5.30
CA THR B 168 15.49 -8.28 4.93
C THR B 168 15.50 -6.74 4.94
N GLU B 169 14.37 -6.13 4.54
CA GLU B 169 14.22 -4.68 4.61
C GLU B 169 14.21 -4.20 6.07
N ALA B 170 13.48 -4.91 6.92
CA ALA B 170 13.34 -4.54 8.34
C ALA B 170 14.64 -4.74 9.12
N LEU B 171 15.44 -5.73 8.72
CA LEU B 171 16.66 -6.09 9.45
C LEU B 171 17.93 -5.67 8.72
N LYS B 172 17.80 -4.68 7.85
CA LYS B 172 18.93 -4.17 7.05
C LYS B 172 20.21 -3.84 7.85
N PRO B 173 20.13 -3.24 9.04
CA PRO B 173 21.31 -2.98 9.87
C PRO B 173 22.11 -4.23 10.29
N TYR B 174 21.47 -5.39 10.23
CA TYR B 174 22.09 -6.65 10.68
C TYR B 174 22.76 -7.39 9.53
N SER B 175 22.90 -6.71 8.40
CA SER B 175 23.37 -7.32 7.15
C SER B 175 24.83 -7.00 6.83
N LYS B 176 25.55 -6.42 7.81
CA LYS B 176 26.96 -6.08 7.58
C LYS B 176 27.75 -7.33 7.22
N GLY B 177 28.57 -7.22 6.16
CA GLY B 177 29.35 -8.35 5.70
C GLY B 177 28.62 -9.38 4.86
N GLY B 178 27.31 -9.17 4.64
CA GLY B 178 26.51 -10.08 3.85
C GLY B 178 26.43 -9.66 2.39
N PRO B 179 26.04 -10.58 1.51
CA PRO B 179 25.88 -10.25 0.09
C PRO B 179 24.63 -9.40 -0.08
N ARG B 180 24.60 -8.58 -1.14
CA ARG B 180 23.38 -7.85 -1.50
C ARG B 180 22.26 -8.80 -1.84
N VAL B 181 21.01 -8.41 -1.56
CA VAL B 181 19.87 -9.26 -1.84
C VAL B 181 18.87 -8.54 -2.73
N TRP B 182 18.35 -9.28 -3.70
CA TRP B 182 17.41 -8.77 -4.70
C TRP B 182 16.19 -9.70 -4.72
N PHE B 183 15.01 -9.13 -4.99
CA PHE B 183 13.77 -9.90 -5.06
C PHE B 183 13.08 -9.70 -6.40
N VAL B 184 12.87 -10.80 -7.11
CA VAL B 184 12.18 -10.79 -8.39
C VAL B 184 10.90 -11.59 -8.19
N SER B 185 9.74 -11.00 -8.51
CA SER B 185 8.47 -11.67 -8.24
C SER B 185 7.48 -11.51 -9.37
N ASN B 186 7.33 -10.29 -9.88
CA ASN B 186 6.34 -10.03 -10.93
C ASN B 186 6.68 -10.81 -12.20
N ILE B 187 5.67 -11.32 -12.90
CA ILE B 187 5.91 -11.86 -14.26
C ILE B 187 6.29 -10.75 -15.23
N ASP B 188 5.77 -9.54 -15.00
CA ASP B 188 6.14 -8.38 -15.80
C ASP B 188 7.66 -8.40 -16.01
N GLY B 189 8.07 -8.48 -17.27
CA GLY B 189 9.48 -8.66 -17.61
C GLY B 189 10.39 -7.51 -17.19
N THR B 190 9.79 -6.36 -16.90
CA THR B 190 10.52 -5.26 -16.26
C THR B 190 11.27 -5.72 -15.02
N HIS B 191 10.64 -6.60 -14.23
CA HIS B 191 11.15 -6.94 -12.89
C HIS B 191 12.48 -7.69 -13.02
N ILE B 192 12.50 -8.79 -13.79
CA ILE B 192 13.75 -9.50 -14.02
C ILE B 192 14.74 -8.69 -14.85
N ALA B 193 14.26 -7.97 -15.88
CA ALA B 193 15.17 -7.26 -16.77
C ALA B 193 15.98 -6.19 -16.03
N LYS B 194 15.30 -5.38 -15.22
CA LYS B 194 16.00 -4.31 -14.55
C LYS B 194 16.91 -4.85 -13.42
N THR B 195 16.56 -6.02 -12.87
CA THR B 195 17.42 -6.68 -11.88
C THR B 195 18.70 -7.21 -12.52
N LEU B 196 18.56 -7.96 -13.62
CA LEU B 196 19.72 -8.56 -14.32
C LEU B 196 20.67 -7.50 -14.91
N ALA B 197 20.15 -6.34 -15.28
CA ALA B 197 20.99 -5.27 -15.84
C ALA B 197 22.06 -4.77 -14.86
N SER B 198 21.83 -4.95 -13.55
CA SER B 198 22.72 -4.46 -12.50
C SER B 198 23.66 -5.56 -11.96
N LEU B 199 23.69 -6.70 -12.63
CA LEU B 199 24.32 -7.92 -12.10
C LEU B 199 25.39 -8.51 -13.00
N SER B 200 26.35 -9.21 -12.38
CA SER B 200 27.31 -10.04 -13.13
C SER B 200 27.01 -11.53 -12.97
N PRO B 201 26.96 -12.26 -14.08
CA PRO B 201 26.72 -13.71 -14.02
C PRO B 201 27.79 -14.45 -13.20
N GLU B 202 28.98 -13.86 -13.13
CA GLU B 202 30.10 -14.48 -12.42
C GLU B 202 29.91 -14.51 -10.90
N THR B 203 29.14 -13.56 -10.37
CA THR B 203 29.06 -13.36 -8.92
C THR B 203 27.63 -13.34 -8.36
N SER B 204 26.67 -13.77 -9.17
CA SER B 204 25.26 -13.80 -8.75
C SER B 204 24.76 -15.22 -8.49
N LEU B 205 24.07 -15.39 -7.35
CA LEU B 205 23.45 -16.64 -6.97
C LEU B 205 21.93 -16.48 -6.95
N PHE B 206 21.24 -17.33 -7.71
CA PHE B 206 19.79 -17.31 -7.77
C PHE B 206 19.15 -18.36 -6.85
N ILE B 207 18.16 -17.94 -6.08
CA ILE B 207 17.38 -18.84 -5.22
C ILE B 207 15.99 -18.94 -5.81
N ILE B 208 15.61 -20.13 -6.29
CA ILE B 208 14.28 -20.31 -6.89
C ILE B 208 13.33 -20.87 -5.84
N ALA B 209 12.38 -20.05 -5.40
CA ALA B 209 11.53 -20.40 -4.27
C ALA B 209 10.12 -20.77 -4.72
N SER B 210 9.81 -22.07 -4.61
CA SER B 210 8.51 -22.64 -5.01
C SER B 210 8.40 -24.15 -4.72
N LYS B 211 7.39 -24.49 -3.92
CA LYS B 211 7.02 -25.88 -3.59
C LYS B 211 7.03 -26.88 -4.76
N THR B 212 6.20 -26.63 -5.78
CA THR B 212 6.04 -27.57 -6.89
C THR B 212 7.16 -27.48 -7.90
N PHE B 213 7.86 -26.36 -7.91
CA PHE B 213 8.79 -26.00 -8.99
C PHE B 213 8.11 -26.03 -10.37
N THR B 214 6.81 -25.69 -10.38
CA THR B 214 6.02 -25.52 -11.62
C THR B 214 5.19 -24.21 -11.65
N THR B 215 5.28 -23.40 -10.59
CA THR B 215 4.55 -22.12 -10.50
C THR B 215 4.90 -21.21 -11.69
N GLN B 216 3.89 -20.78 -12.46
CA GLN B 216 4.18 -20.16 -13.78
C GLN B 216 5.09 -18.93 -13.75
N GLU B 217 4.75 -17.95 -12.92
CA GLU B 217 5.53 -16.71 -12.84
C GLU B 217 6.98 -17.00 -12.43
N THR B 218 7.13 -17.83 -11.40
CA THR B 218 8.43 -18.14 -10.80
C THR B 218 9.31 -18.96 -11.72
N ILE B 219 8.75 -20.02 -12.29
CA ILE B 219 9.51 -20.84 -13.24
C ILE B 219 9.88 -20.09 -14.51
N THR B 220 8.96 -19.26 -15.03
CA THR B 220 9.28 -18.42 -16.18
C THR B 220 10.41 -17.44 -15.89
N ASN B 221 10.34 -16.74 -14.75
CA ASN B 221 11.44 -15.87 -14.32
C ASN B 221 12.77 -16.63 -14.15
N ALA B 222 12.68 -17.82 -13.55
CA ALA B 222 13.86 -18.65 -13.31
C ALA B 222 14.49 -19.10 -14.63
N GLU B 223 13.65 -19.44 -15.61
CA GLU B 223 14.15 -19.82 -16.94
C GLU B 223 14.79 -18.66 -17.69
N THR B 224 14.23 -17.45 -17.53
CA THR B 224 14.85 -16.27 -18.08
C THR B 224 16.22 -15.99 -17.44
N ALA B 225 16.34 -16.17 -16.12
CA ALA B 225 17.61 -15.96 -15.44
C ALA B 225 18.66 -16.97 -15.91
N LYS B 226 18.23 -18.20 -16.16
CA LYS B 226 19.13 -19.25 -16.63
C LYS B 226 19.65 -18.95 -18.04
N GLU B 227 18.76 -18.46 -18.91
CA GLU B 227 19.14 -18.04 -20.26
C GLU B 227 20.20 -16.92 -20.29
N TRP B 228 20.00 -15.88 -19.46
CA TRP B 228 20.94 -14.77 -19.31
C TRP B 228 22.28 -15.29 -18.78
N PHE B 229 22.20 -16.18 -17.80
CA PHE B 229 23.40 -16.77 -17.21
C PHE B 229 24.22 -17.56 -18.24
N LEU B 230 23.53 -18.39 -19.03
CA LEU B 230 24.20 -19.25 -20.00
C LEU B 230 24.78 -18.49 -21.19
N GLU B 231 24.27 -17.30 -21.48
CA GLU B 231 24.86 -16.46 -22.53
C GLU B 231 26.32 -16.10 -22.17
N ALA B 232 26.58 -15.90 -20.90
CA ALA B 232 27.93 -15.57 -20.43
C ALA B 232 28.73 -16.84 -20.15
N ALA B 233 28.13 -17.80 -19.45
CA ALA B 233 28.83 -19.00 -18.99
C ALA B 233 29.07 -20.03 -20.09
N LYS B 234 28.11 -20.16 -21.00
CA LYS B 234 28.21 -21.05 -22.17
C LYS B 234 28.44 -22.54 -21.82
N ASP B 235 28.11 -22.92 -20.59
CA ASP B 235 28.32 -24.29 -20.11
C ASP B 235 27.21 -24.74 -19.15
N PRO B 236 26.36 -25.67 -19.60
CA PRO B 236 25.24 -26.19 -18.81
C PRO B 236 25.57 -26.66 -17.40
N SER B 237 26.76 -27.22 -17.22
CA SER B 237 27.19 -27.70 -15.90
C SER B 237 27.46 -26.58 -14.88
N ALA B 238 27.62 -25.35 -15.37
CA ALA B 238 27.89 -24.19 -14.50
C ALA B 238 26.64 -23.69 -13.76
N VAL B 239 25.46 -24.13 -14.21
CA VAL B 239 24.19 -23.76 -13.59
C VAL B 239 24.15 -24.14 -12.11
N ALA B 240 24.71 -25.30 -11.78
CA ALA B 240 24.70 -25.83 -10.41
C ALA B 240 25.45 -24.95 -9.41
N LYS B 241 26.33 -24.09 -9.89
CA LYS B 241 27.07 -23.18 -9.02
C LYS B 241 26.33 -21.86 -8.76
N HIS B 242 25.24 -21.63 -9.49
CA HIS B 242 24.57 -20.34 -9.49
C HIS B 242 23.06 -20.39 -9.27
N PHE B 243 22.52 -21.61 -9.12
CA PHE B 243 21.09 -21.81 -8.89
C PHE B 243 20.85 -22.82 -7.78
N VAL B 244 20.03 -22.43 -6.80
CA VAL B 244 19.56 -23.34 -5.75
C VAL B 244 18.04 -23.29 -5.68
N ALA B 245 17.42 -24.30 -5.07
CA ALA B 245 15.97 -24.43 -5.01
C ALA B 245 15.44 -24.58 -3.58
N LEU B 246 14.28 -23.97 -3.33
CA LEU B 246 13.51 -24.19 -2.10
C LEU B 246 12.20 -24.84 -2.56
N SER B 247 12.17 -26.18 -2.47
CA SER B 247 11.21 -27.04 -3.19
C SER B 247 11.24 -28.51 -2.69
N THR B 248 10.27 -29.33 -3.11
CA THR B 248 10.34 -30.79 -2.88
C THR B 248 10.39 -31.60 -4.18
N ASN B 249 10.18 -30.93 -5.31
CA ASN B 249 10.15 -31.62 -6.60
C ASN B 249 11.54 -31.95 -7.15
N THR B 250 12.11 -33.04 -6.66
CA THR B 250 13.49 -33.43 -6.98
C THR B 250 13.79 -33.51 -8.49
N ALA B 251 12.89 -34.15 -9.24
CA ALA B 251 13.09 -34.34 -10.69
C ALA B 251 13.15 -33.01 -11.46
N LYS B 252 12.18 -32.12 -11.21
CA LYS B 252 12.10 -30.83 -11.89
C LYS B 252 13.33 -29.96 -11.60
N VAL B 253 13.77 -29.98 -10.33
CA VAL B 253 14.96 -29.27 -9.88
C VAL B 253 16.20 -29.80 -10.60
N LYS B 254 16.29 -31.13 -10.72
CA LYS B 254 17.39 -31.79 -11.43
C LYS B 254 17.37 -31.45 -12.92
N GLU B 255 16.19 -31.46 -13.53
CA GLU B 255 16.02 -31.13 -14.95
C GLU B 255 16.40 -29.68 -15.26
N PHE B 256 16.18 -28.79 -14.29
CA PHE B 256 16.55 -27.39 -14.39
C PHE B 256 18.08 -27.25 -14.48
N GLY B 257 18.79 -28.17 -13.84
CA GLY B 257 20.25 -28.13 -13.80
C GLY B 257 20.80 -27.87 -12.41
N ILE B 258 19.91 -27.89 -11.41
CA ILE B 258 20.31 -27.65 -10.03
C ILE B 258 20.72 -28.95 -9.36
N ASP B 259 21.92 -28.94 -8.78
CA ASP B 259 22.39 -30.04 -7.95
C ASP B 259 21.33 -30.31 -6.86
N PRO B 260 20.77 -31.53 -6.83
CA PRO B 260 19.74 -31.88 -5.84
C PRO B 260 20.23 -31.75 -4.39
N GLN B 261 21.55 -31.62 -4.21
CA GLN B 261 22.14 -31.28 -2.92
C GLN B 261 21.71 -29.86 -2.50
N ASN B 262 21.52 -29.00 -3.50
CA ASN B 262 21.13 -27.61 -3.28
C ASN B 262 19.64 -27.36 -3.38
N MET B 263 18.86 -28.38 -3.02
CA MET B 263 17.42 -28.20 -2.81
C MET B 263 17.14 -28.29 -1.31
N LEU B 264 16.54 -27.23 -0.77
CA LEU B 264 16.16 -27.19 0.65
C LEU B 264 14.67 -27.40 0.75
N GLU B 265 14.24 -28.39 1.53
CA GLU B 265 12.84 -28.80 1.56
C GLU B 265 12.00 -28.13 2.64
N PHE B 266 10.70 -28.03 2.37
CA PHE B 266 9.69 -27.80 3.42
C PHE B 266 8.45 -28.66 3.15
N TRP B 267 7.40 -28.48 3.95
CA TRP B 267 6.33 -29.47 4.03
C TRP B 267 4.94 -28.88 3.79
N ASP B 268 3.95 -29.74 3.54
CA ASP B 268 2.62 -29.27 3.17
C ASP B 268 1.88 -28.55 4.31
N TRP B 269 2.33 -28.77 5.55
CA TRP B 269 1.76 -28.07 6.70
C TRP B 269 2.40 -26.68 6.93
N VAL B 270 3.29 -26.30 6.02
CA VAL B 270 3.82 -24.93 5.96
C VAL B 270 3.08 -24.16 4.86
N GLY B 271 2.14 -23.30 5.26
CA GLY B 271 1.43 -22.42 4.33
C GLY B 271 2.38 -21.39 3.74
N GLY B 272 2.18 -21.03 2.48
CA GLY B 272 3.06 -20.08 1.83
C GLY B 272 3.17 -18.76 2.59
N ARG B 273 2.01 -18.24 3.02
CA ARG B 273 1.97 -16.99 3.75
C ARG B 273 2.38 -17.12 5.22
N TYR B 274 2.82 -18.33 5.60
CA TYR B 274 3.41 -18.61 6.92
C TYR B 274 4.77 -19.28 6.78
N SER B 275 5.46 -19.03 5.66
CA SER B 275 6.62 -19.82 5.25
C SER B 275 8.01 -19.21 5.48
N LEU B 276 8.12 -17.93 5.82
CA LEU B 276 9.43 -17.31 5.96
C LEU B 276 10.32 -18.00 7.02
N TRP B 277 9.67 -18.72 7.93
CA TRP B 277 10.33 -19.41 9.05
C TRP B 277 11.00 -20.71 8.62
N SER B 278 10.68 -21.15 7.40
CA SER B 278 11.15 -22.42 6.82
C SER B 278 12.39 -22.23 5.94
N ALA B 279 12.68 -23.22 5.10
CA ALA B 279 13.68 -23.08 4.04
C ALA B 279 13.50 -21.78 3.24
N ILE B 280 12.25 -21.33 3.13
CA ILE B 280 11.92 -20.12 2.38
C ILE B 280 12.68 -18.89 2.90
N GLY B 281 13.04 -18.92 4.18
CA GLY B 281 13.85 -17.86 4.75
C GLY B 281 15.33 -17.85 4.44
N LEU B 282 15.80 -18.71 3.53
CA LEU B 282 17.22 -18.74 3.16
C LEU B 282 17.83 -17.37 2.81
N SER B 283 17.13 -16.58 2.02
CA SER B 283 17.68 -15.27 1.65
C SER B 283 17.84 -14.35 2.86
N ILE B 284 16.97 -14.48 3.87
CA ILE B 284 17.12 -13.74 5.13
C ILE B 284 18.43 -14.19 5.80
N ALA B 285 18.58 -15.50 5.96
CA ALA B 285 19.77 -16.03 6.66
C ALA B 285 21.07 -15.70 5.92
N LEU B 286 21.02 -15.69 4.59
CA LEU B 286 22.21 -15.33 3.81
C LEU B 286 22.53 -13.85 3.99
N HIS B 287 21.50 -13.02 4.07
CA HIS B 287 21.70 -11.58 4.17
C HIS B 287 22.20 -11.11 5.54
N VAL B 288 21.58 -11.59 6.62
CA VAL B 288 21.91 -11.15 7.99
C VAL B 288 22.68 -12.18 8.82
N GLY B 289 22.92 -13.35 8.24
CA GLY B 289 23.61 -14.41 8.95
C GLY B 289 22.64 -15.35 9.65
N PHE B 290 23.06 -16.61 9.80
CA PHE B 290 22.19 -17.63 10.38
C PHE B 290 21.87 -17.36 11.86
N ASP B 291 22.81 -16.74 12.57
CA ASP B 291 22.61 -16.43 13.98
C ASP B 291 21.42 -15.48 14.21
N HIS B 292 21.35 -14.43 13.38
CA HIS B 292 20.23 -13.51 13.42
C HIS B 292 18.93 -14.14 12.94
N PHE B 293 19.02 -15.06 11.96
CA PHE B 293 17.84 -15.84 11.57
C PHE B 293 17.33 -16.69 12.74
N GLU B 294 18.25 -17.28 13.49
CA GLU B 294 17.88 -18.07 14.67
C GLU B 294 17.18 -17.20 15.71
N GLN B 295 17.65 -15.97 15.85
CA GLN B 295 17.04 -15.00 16.77
C GLN B 295 15.60 -14.67 16.36
N LEU B 296 15.38 -14.49 15.05
CA LEU B 296 14.04 -14.30 14.49
C LEU B 296 13.10 -15.45 14.86
N LEU B 297 13.59 -16.69 14.69
CA LEU B 297 12.80 -17.87 15.04
C LEU B 297 12.50 -17.90 16.53
N SER B 298 13.49 -17.49 17.33
CA SER B 298 13.33 -17.56 18.78
C SER B 298 12.30 -16.54 19.30
N GLY B 299 12.25 -15.36 18.66
CA GLY B 299 11.23 -14.37 18.97
C GLY B 299 9.84 -14.87 18.68
N ALA B 300 9.65 -15.50 17.52
CA ALA B 300 8.36 -16.11 17.20
C ALA B 300 8.01 -17.20 18.22
N HIS B 301 9.00 -17.99 18.61
CA HIS B 301 8.78 -19.06 19.58
C HIS B 301 8.29 -18.51 20.93
N TRP B 302 8.88 -17.39 21.35
CA TRP B 302 8.44 -16.73 22.58
C TRP B 302 6.95 -16.35 22.50
N MET B 303 6.54 -15.75 21.38
CA MET B 303 5.16 -15.34 21.20
C MET B 303 4.20 -16.54 21.08
N ASP B 304 4.68 -17.62 20.48
CA ASP B 304 3.93 -18.88 20.40
C ASP B 304 3.60 -19.37 21.80
N GLN B 305 4.61 -19.37 22.68
CA GLN B 305 4.41 -19.80 24.08
C GLN B 305 3.49 -18.85 24.86
N HIS B 306 3.62 -17.54 24.65
CA HIS B 306 2.69 -16.56 25.23
C HIS B 306 1.24 -16.89 24.82
N PHE B 307 1.03 -17.14 23.53
CA PHE B 307 -0.30 -17.44 23.00
C PHE B 307 -0.85 -18.76 23.58
N LEU B 308 0.03 -19.75 23.68
CA LEU B 308 -0.37 -21.07 24.15
C LEU B 308 -0.73 -21.09 25.64
N LYS B 309 0.05 -20.37 26.46
CA LYS B 309 0.00 -20.52 27.91
C LYS B 309 -0.81 -19.47 28.67
N THR B 310 -1.14 -18.35 28.02
CA THR B 310 -1.72 -17.21 28.72
C THR B 310 -3.25 -17.20 28.72
N PRO B 311 -3.88 -16.97 29.87
CA PRO B 311 -5.34 -16.84 29.94
C PRO B 311 -5.82 -15.76 28.95
N LEU B 312 -6.96 -15.99 28.30
CA LEU B 312 -7.42 -15.14 27.19
C LEU B 312 -7.47 -13.64 27.48
N GLU B 313 -7.89 -13.30 28.70
CA GLU B 313 -8.12 -11.90 29.06
C GLU B 313 -6.85 -11.05 29.14
N LYS B 314 -5.68 -11.70 29.11
CA LYS B 314 -4.40 -10.98 29.06
C LYS B 314 -3.42 -11.54 28.01
N ASN B 315 -4.01 -12.08 26.94
CA ASN B 315 -3.30 -12.80 25.87
C ASN B 315 -3.26 -11.86 24.64
N ALA B 316 -2.08 -11.32 24.33
CA ALA B 316 -1.94 -10.24 23.33
C ALA B 316 -2.63 -10.50 21.97
N PRO B 317 -2.29 -11.59 21.26
CA PRO B 317 -2.95 -11.85 19.98
C PRO B 317 -4.46 -12.09 20.10
N VAL B 318 -4.92 -12.65 21.21
CA VAL B 318 -6.35 -12.83 21.42
C VAL B 318 -7.06 -11.48 21.56
N LEU B 319 -6.50 -10.59 22.37
CA LEU B 319 -7.08 -9.26 22.57
C LEU B 319 -7.12 -8.45 21.26
N LEU B 320 -6.03 -8.49 20.49
CA LEU B 320 -6.02 -7.80 19.20
C LEU B 320 -7.10 -8.36 18.29
N ALA B 321 -7.27 -9.68 18.31
CA ALA B 321 -8.29 -10.33 17.50
C ALA B 321 -9.68 -9.89 17.91
N LEU B 322 -9.89 -9.84 19.23
CA LEU B 322 -11.19 -9.47 19.76
C LEU B 322 -11.59 -8.03 19.44
N LEU B 323 -10.66 -7.10 19.59
CA LEU B 323 -10.93 -5.72 19.21
C LEU B 323 -11.29 -5.64 17.73
N GLY B 324 -10.59 -6.40 16.90
CA GLY B 324 -10.93 -6.47 15.47
C GLY B 324 -12.35 -6.96 15.23
N ILE B 325 -12.77 -8.03 15.91
CA ILE B 325 -14.14 -8.56 15.79
C ILE B 325 -15.19 -7.49 16.15
N TRP B 326 -14.92 -6.75 17.22
CA TRP B 326 -15.79 -5.67 17.68
C TRP B 326 -15.97 -4.61 16.59
N TYR B 327 -14.86 -4.19 15.97
CA TYR B 327 -14.97 -3.18 14.90
C TYR B 327 -15.56 -3.70 13.59
N ILE B 328 -15.22 -4.95 13.26
CA ILE B 328 -15.71 -5.59 12.03
C ILE B 328 -17.19 -5.98 12.12
N ASN B 329 -17.54 -6.75 13.15
CA ASN B 329 -18.86 -7.36 13.20
C ASN B 329 -19.92 -6.54 13.95
N CYS B 330 -19.49 -5.55 14.74
CA CYS B 330 -20.44 -4.70 15.46
C CYS B 330 -20.48 -3.30 14.86
N TYR B 331 -19.31 -2.72 14.60
CA TYR B 331 -19.28 -1.38 13.97
C TYR B 331 -19.31 -1.38 12.44
N GLY B 332 -19.00 -2.52 11.81
CA GLY B 332 -19.01 -2.65 10.36
C GLY B 332 -17.85 -2.02 9.59
N CYS B 333 -16.71 -1.83 10.26
CA CYS B 333 -15.53 -1.26 9.59
C CYS B 333 -14.89 -2.24 8.60
N GLU B 334 -14.77 -1.82 7.35
CA GLU B 334 -14.23 -2.67 6.28
C GLU B 334 -12.72 -2.87 6.38
N THR B 335 -12.00 -1.92 6.96
CA THR B 335 -10.53 -1.88 6.84
C THR B 335 -9.81 -1.86 8.19
N HIS B 336 -8.53 -2.20 8.12
CA HIS B 336 -7.64 -2.16 9.28
C HIS B 336 -6.31 -1.58 8.80
N ALA B 337 -5.86 -0.48 9.40
CA ALA B 337 -4.61 0.16 8.95
C ALA B 337 -3.45 -0.21 9.86
N LEU B 338 -2.33 -0.57 9.25
CA LEU B 338 -1.07 -0.83 9.94
C LEU B 338 -0.11 0.30 9.62
N LEU B 339 0.29 1.02 10.67
CA LEU B 339 1.04 2.28 10.50
C LEU B 339 2.32 2.24 11.34
N PRO B 340 3.37 1.60 10.80
CA PRO B 340 4.62 1.53 11.56
C PRO B 340 5.45 2.81 11.41
N TYR B 341 5.89 3.39 12.54
CA TYR B 341 6.70 4.61 12.52
C TYR B 341 8.17 4.22 12.41
N ASP B 342 8.50 3.62 11.27
CA ASP B 342 9.78 2.98 11.05
C ASP B 342 9.95 2.74 9.56
N GLN B 343 10.92 3.44 8.97
CA GLN B 343 11.20 3.29 7.55
C GLN B 343 11.67 1.87 7.19
N TYR B 344 12.44 1.23 8.07
CA TYR B 344 12.83 -0.15 7.81
C TYR B 344 11.63 -1.11 7.70
N MET B 345 10.55 -0.81 8.42
CA MET B 345 9.29 -1.60 8.35
C MET B 345 8.37 -1.21 7.17
N HIS B 346 8.93 -0.62 6.13
CA HIS B 346 8.08 -0.09 5.03
C HIS B 346 7.27 -1.13 4.24
N ARG B 347 7.65 -2.41 4.36
CA ARG B 347 6.93 -3.50 3.69
C ARG B 347 6.10 -4.39 4.64
N PHE B 348 5.99 -3.96 5.90
CA PHE B 348 5.22 -4.67 6.93
C PHE B 348 3.73 -4.78 6.60
N ALA B 349 3.12 -3.67 6.20
CA ALA B 349 1.69 -3.66 5.83
C ALA B 349 1.40 -4.55 4.61
N ALA B 350 2.24 -4.45 3.58
CA ALA B 350 2.10 -5.26 2.38
C ALA B 350 2.16 -6.76 2.70
N TYR B 351 3.05 -7.11 3.63
CA TYR B 351 3.16 -8.50 4.07
C TYR B 351 1.86 -8.99 4.69
N PHE B 352 1.28 -8.18 5.56
CA PHE B 352 0.06 -8.61 6.22
C PHE B 352 -1.19 -8.49 5.37
N GLN B 353 -1.09 -7.82 4.22
CA GLN B 353 -2.13 -7.96 3.20
C GLN B 353 -2.30 -9.40 2.79
N GLN B 354 -1.20 -10.12 2.51
CA GLN B 354 -1.32 -11.55 2.26
C GLN B 354 -1.68 -12.32 3.51
N GLY B 355 -0.94 -12.10 4.60
CA GLY B 355 -1.12 -12.87 5.81
C GLY B 355 -2.55 -12.83 6.32
N ASP B 356 -3.13 -11.64 6.35
CA ASP B 356 -4.49 -11.45 6.82
C ASP B 356 -5.53 -11.74 5.72
N MET B 357 -5.41 -11.05 4.58
CA MET B 357 -6.48 -11.09 3.58
C MET B 357 -6.63 -12.43 2.87
N GLU B 358 -5.51 -13.10 2.59
CA GLU B 358 -5.61 -14.39 1.91
C GLU B 358 -6.01 -15.49 2.91
N SER B 359 -5.74 -15.25 4.20
CA SER B 359 -6.17 -16.17 5.25
C SER B 359 -7.67 -16.06 5.50
N ASN B 360 -8.13 -14.84 5.75
CA ASN B 360 -9.47 -14.63 6.28
C ASN B 360 -10.48 -13.99 5.33
N GLY B 361 -10.08 -13.76 4.09
CA GLY B 361 -10.99 -13.35 3.04
C GLY B 361 -11.78 -14.52 2.50
N LYS B 362 -12.72 -14.98 3.32
CA LYS B 362 -13.42 -16.25 3.13
C LYS B 362 -14.91 -16.09 3.38
N TYR B 363 -15.71 -17.03 2.87
CA TYR B 363 -17.16 -16.93 3.08
C TYR B 363 -17.92 -18.24 3.35
N ILE B 364 -17.22 -19.36 3.34
CA ILE B 364 -17.83 -20.65 3.66
C ILE B 364 -17.30 -21.14 5.01
N THR B 365 -18.22 -21.54 5.89
CA THR B 365 -17.86 -22.04 7.21
C THR B 365 -17.58 -23.54 7.19
N LYS B 366 -17.09 -24.03 8.32
CA LYS B 366 -16.81 -25.44 8.56
C LYS B 366 -17.97 -26.38 8.20
N SER B 367 -19.21 -25.92 8.42
CA SER B 367 -20.41 -26.69 8.11
C SER B 367 -20.79 -26.68 6.62
N GLY B 368 -20.16 -25.80 5.85
CA GLY B 368 -20.47 -25.63 4.43
C GLY B 368 -21.45 -24.49 4.17
N ALA B 369 -22.00 -23.93 5.24
CA ALA B 369 -22.93 -22.80 5.14
C ALA B 369 -22.17 -21.53 4.77
N ARG B 370 -22.86 -20.61 4.08
CA ARG B 370 -22.33 -19.29 3.75
C ARG B 370 -22.45 -18.39 4.96
N VAL B 371 -21.41 -17.60 5.23
CA VAL B 371 -21.48 -16.62 6.32
C VAL B 371 -22.59 -15.60 6.05
N ASP B 372 -23.24 -15.16 7.11
CA ASP B 372 -24.22 -14.09 7.00
C ASP B 372 -23.72 -12.94 7.86
N HIS B 373 -22.41 -12.78 7.86
CA HIS B 373 -21.70 -11.74 8.63
C HIS B 373 -20.40 -11.45 7.93
N GLN B 374 -19.75 -10.36 8.31
CA GLN B 374 -18.47 -10.01 7.71
C GLN B 374 -17.34 -10.92 8.18
N THR B 375 -16.36 -11.13 7.31
CA THR B 375 -15.10 -11.77 7.72
C THR B 375 -13.90 -10.79 7.61
N GLY B 376 -12.77 -11.24 7.09
CA GLY B 376 -11.53 -10.50 7.14
C GLY B 376 -11.59 -9.09 6.54
N PRO B 377 -10.87 -8.15 7.15
CA PRO B 377 -10.85 -6.77 6.66
C PRO B 377 -9.84 -6.59 5.55
N ILE B 378 -9.98 -5.45 4.85
CA ILE B 378 -8.94 -4.95 3.95
C ILE B 378 -7.84 -4.28 4.77
N VAL B 379 -6.62 -4.77 4.64
CA VAL B 379 -5.47 -4.28 5.38
C VAL B 379 -4.67 -3.33 4.49
N TRP B 380 -4.23 -2.22 5.03
CA TRP B 380 -3.47 -1.24 4.24
C TRP B 380 -2.61 -0.38 5.17
N GLY B 381 -1.71 0.42 4.59
CA GLY B 381 -0.98 1.39 5.40
C GLY B 381 0.33 1.80 4.77
N GLU B 382 0.88 2.90 5.29
CA GLU B 382 2.23 3.35 4.94
C GLU B 382 2.95 3.75 6.23
N PRO B 383 4.29 3.75 6.24
CA PRO B 383 5.00 4.15 7.45
C PRO B 383 4.78 5.60 7.86
N GLY B 384 4.76 5.84 9.17
CA GLY B 384 4.77 7.18 9.72
C GLY B 384 6.21 7.70 9.71
N THR B 385 6.44 9.01 9.55
CA THR B 385 5.36 10.02 9.46
C THR B 385 4.77 10.27 8.09
N ASN B 386 5.24 9.58 7.05
CA ASN B 386 4.79 9.86 5.68
C ASN B 386 3.28 9.87 5.51
N GLY B 387 2.62 8.88 6.09
CA GLY B 387 1.17 8.78 5.98
C GLY B 387 0.43 10.02 6.45
N GLN B 388 0.99 10.70 7.46
CA GLN B 388 0.40 11.94 7.95
C GLN B 388 0.21 12.98 6.86
N HIS B 389 1.12 12.97 5.88
CA HIS B 389 1.11 13.94 4.78
C HIS B 389 0.48 13.38 3.51
N ALA B 390 -0.15 12.20 3.61
CA ALA B 390 -0.84 11.60 2.49
C ALA B 390 -2.33 11.39 2.76
N PHE B 391 -2.67 10.53 3.73
CA PHE B 391 -4.05 10.11 3.90
C PHE B 391 -4.64 10.36 5.28
N TYR B 392 -3.85 10.85 6.24
CA TYR B 392 -4.42 11.03 7.59
C TYR B 392 -5.51 12.08 7.60
N GLN B 393 -5.53 12.98 6.61
CA GLN B 393 -6.66 13.92 6.46
C GLN B 393 -7.99 13.18 6.51
N LEU B 394 -8.07 12.05 5.80
CA LEU B 394 -9.32 11.28 5.74
C LEU B 394 -9.55 10.51 7.06
N ILE B 395 -8.48 10.02 7.68
CA ILE B 395 -8.64 9.34 8.99
C ILE B 395 -9.20 10.31 10.04
N HIS B 396 -8.75 11.56 10.02
CA HIS B 396 -9.17 12.56 11.01
C HIS B 396 -10.53 13.20 10.72
N GLN B 397 -10.84 13.44 9.43
CA GLN B 397 -11.98 14.29 9.06
C GLN B 397 -12.85 13.76 7.91
N GLY B 398 -12.67 12.49 7.56
CA GLY B 398 -13.55 11.85 6.58
C GLY B 398 -14.80 11.25 7.20
N THR B 399 -15.40 10.28 6.51
CA THR B 399 -16.66 9.67 6.94
C THR B 399 -16.53 8.17 7.21
N LYS B 400 -15.30 7.71 7.37
CA LYS B 400 -15.01 6.30 7.63
C LYS B 400 -14.44 6.11 9.02
N MET B 401 -14.88 5.04 9.68
CA MET B 401 -14.23 4.57 10.91
C MET B 401 -13.15 3.54 10.51
N ILE B 402 -11.91 3.81 10.95
CA ILE B 402 -10.74 3.04 10.53
C ILE B 402 -9.87 2.66 11.75
N PRO B 403 -10.03 1.46 12.30
CA PRO B 403 -9.14 1.02 13.39
C PRO B 403 -7.71 1.06 12.86
N CYS B 404 -6.79 1.66 13.62
CA CYS B 404 -5.39 1.74 13.23
C CYS B 404 -4.47 1.14 14.30
N ASP B 405 -3.48 0.36 13.89
CA ASP B 405 -2.37 -0.02 14.78
C ASP B 405 -1.14 0.83 14.46
N PHE B 406 -0.70 1.62 15.45
CA PHE B 406 0.51 2.43 15.38
C PHE B 406 1.64 1.63 16.04
N LEU B 407 2.75 1.43 15.34
CA LEU B 407 3.89 0.65 15.87
C LEU B 407 5.18 1.47 15.85
N ILE B 408 6.02 1.35 16.89
CA ILE B 408 7.32 2.04 16.88
C ILE B 408 8.33 1.37 17.84
N PRO B 409 9.61 1.33 17.46
CA PRO B 409 10.67 1.02 18.43
C PRO B 409 11.10 2.25 19.24
N VAL B 410 11.37 2.03 20.53
CA VAL B 410 11.86 3.11 21.38
C VAL B 410 13.28 3.54 20.96
N GLN B 411 14.12 2.57 20.66
CA GLN B 411 15.50 2.82 20.26
C GLN B 411 15.64 2.72 18.75
N THR B 412 16.25 3.73 18.15
CA THR B 412 16.49 3.72 16.71
C THR B 412 17.81 3.05 16.35
N GLN B 413 17.87 2.47 15.15
CA GLN B 413 19.12 1.94 14.62
C GLN B 413 20.08 3.07 14.21
N HIS B 414 19.56 4.30 14.09
CA HIS B 414 20.33 5.43 13.55
C HIS B 414 20.15 6.71 14.38
N PRO B 415 20.77 6.78 15.57
CA PRO B 415 20.53 7.92 16.48
C PRO B 415 21.31 9.18 16.08
N ILE B 416 21.12 9.59 14.83
CA ILE B 416 21.80 10.77 14.30
C ILE B 416 21.39 12.05 15.02
N ARG B 417 22.25 13.07 14.91
CA ARG B 417 22.00 14.37 15.54
C ARG B 417 21.61 14.21 17.02
N LYS B 418 22.37 13.39 17.74
CA LYS B 418 22.13 13.11 19.17
C LYS B 418 20.67 12.76 19.47
N GLY B 419 20.04 12.07 18.52
CA GLY B 419 18.71 11.54 18.72
C GLY B 419 17.56 12.45 18.32
N LEU B 420 17.87 13.57 17.67
CA LEU B 420 16.86 14.57 17.34
C LEU B 420 15.77 14.03 16.42
N HIS B 421 16.18 13.33 15.36
CA HIS B 421 15.22 12.74 14.44
C HIS B 421 14.25 11.79 15.14
N HIS B 422 14.79 10.93 16.01
CA HIS B 422 13.94 9.94 16.68
C HIS B 422 13.01 10.56 17.71
N LYS B 423 13.48 11.62 18.35
CA LYS B 423 12.68 12.36 19.31
C LYS B 423 11.45 12.90 18.58
N ILE B 424 11.66 13.50 17.41
CA ILE B 424 10.56 14.02 16.58
C ILE B 424 9.61 12.91 16.10
N LEU B 425 10.18 11.79 15.68
CA LEU B 425 9.39 10.64 15.23
C LEU B 425 8.47 10.15 16.36
N LEU B 426 9.03 9.99 17.56
CA LEU B 426 8.25 9.54 18.74
C LEU B 426 7.15 10.53 19.08
N ALA B 427 7.48 11.82 19.06
CA ALA B 427 6.50 12.86 19.36
C ALA B 427 5.29 12.81 18.41
N ASN B 428 5.55 12.58 17.13
CA ASN B 428 4.47 12.41 16.16
C ASN B 428 3.63 11.14 16.38
N PHE B 429 4.32 10.04 16.68
CA PHE B 429 3.68 8.76 16.96
C PHE B 429 2.67 8.92 18.11
N LEU B 430 3.11 9.57 19.17
CA LEU B 430 2.30 9.79 20.36
C LEU B 430 1.16 10.76 20.09
N ALA B 431 1.49 11.85 19.38
CA ALA B 431 0.54 12.93 19.11
C ALA B 431 -0.60 12.52 18.21
N GLN B 432 -0.32 11.66 17.25
CA GLN B 432 -1.38 11.27 16.32
C GLN B 432 -2.50 10.44 16.97
N THR B 433 -2.14 9.49 17.83
CA THR B 433 -3.18 8.73 18.51
C THR B 433 -3.94 9.58 19.54
N GLU B 434 -3.20 10.48 20.20
CA GLU B 434 -3.83 11.45 21.09
C GLU B 434 -4.84 12.31 20.33
N ALA B 435 -4.44 12.81 19.16
CA ALA B 435 -5.30 13.65 18.32
C ALA B 435 -6.55 12.92 17.83
N LEU B 436 -6.36 11.69 17.37
CA LEU B 436 -7.47 10.84 16.90
C LEU B 436 -8.45 10.60 18.03
N MET B 437 -7.95 10.44 19.24
CA MET B 437 -8.83 10.22 20.40
C MET B 437 -9.59 11.49 20.79
N LYS B 438 -8.87 12.59 20.93
CA LYS B 438 -9.37 13.77 21.63
C LYS B 438 -10.10 14.72 20.69
N GLY B 439 -9.63 14.81 19.44
CA GLY B 439 -10.16 15.81 18.52
C GLY B 439 -9.89 17.23 18.99
N LYS B 440 -10.69 18.17 18.48
CA LYS B 440 -10.57 19.58 18.79
C LYS B 440 -11.97 20.16 18.78
N LEU B 441 -12.39 20.66 19.94
CA LEU B 441 -13.74 21.15 20.16
C LEU B 441 -13.96 22.52 19.50
N PRO B 442 -15.22 22.86 19.20
CA PRO B 442 -15.54 24.19 18.68
C PRO B 442 -14.93 25.32 19.54
N GLU B 443 -15.00 25.20 20.87
CA GLU B 443 -14.43 26.19 21.77
C GLU B 443 -12.91 26.34 21.64
N GLU B 444 -12.21 25.24 21.35
CA GLU B 444 -10.77 25.29 21.12
C GLU B 444 -10.44 25.92 19.75
N ALA B 445 -11.13 25.49 18.69
CA ALA B 445 -10.94 26.07 17.35
C ALA B 445 -11.28 27.56 17.32
N ARG B 446 -12.33 27.95 18.06
CA ARG B 446 -12.76 29.34 18.07
C ARG B 446 -11.65 30.25 18.60
N LYS B 447 -10.98 29.84 19.68
CA LYS B 447 -9.91 30.67 20.26
C LYS B 447 -8.75 30.80 19.28
N GLU B 448 -8.51 29.77 18.48
CA GLU B 448 -7.44 29.84 17.47
C GLU B 448 -7.76 30.84 16.37
N LEU B 449 -9.01 30.83 15.91
CA LEU B 449 -9.44 31.76 14.89
C LEU B 449 -9.46 33.19 15.43
N GLN B 450 -9.86 33.35 16.69
CA GLN B 450 -9.83 34.67 17.33
C GLN B 450 -8.41 35.24 17.42
N ALA B 451 -7.45 34.39 17.78
CA ALA B 451 -6.05 34.81 17.89
C ALA B 451 -5.46 35.14 16.53
N ALA B 452 -5.95 34.47 15.50
CA ALA B 452 -5.50 34.72 14.13
C ALA B 452 -6.07 36.04 13.57
N GLY B 453 -6.97 36.67 14.32
CA GLY B 453 -7.53 37.96 13.95
C GLY B 453 -8.61 37.88 12.88
N LYS B 454 -9.27 36.73 12.77
CA LYS B 454 -10.35 36.56 11.80
C LYS B 454 -11.53 37.43 12.16
N SER B 455 -12.16 37.99 11.12
CA SER B 455 -13.40 38.75 11.26
C SER B 455 -14.53 37.85 11.77
N PRO B 456 -15.51 38.42 12.45
CA PRO B 456 -16.75 37.69 12.79
C PRO B 456 -17.27 36.79 11.66
N GLU B 457 -17.34 37.29 10.42
CA GLU B 457 -17.90 36.52 9.31
C GLU B 457 -16.99 35.37 8.88
N ASP B 458 -15.70 35.66 8.75
CA ASP B 458 -14.70 34.65 8.39
C ASP B 458 -14.58 33.56 9.47
N LEU B 459 -14.60 33.97 10.74
CA LEU B 459 -14.57 33.02 11.85
C LEU B 459 -15.74 32.05 11.77
N GLU B 460 -16.95 32.57 11.55
CA GLU B 460 -18.16 31.75 11.53
C GLU B 460 -18.09 30.72 10.41
N LYS B 461 -17.61 31.16 9.24
CA LYS B 461 -17.53 30.30 8.06
C LYS B 461 -16.47 29.21 8.18
N LEU B 462 -15.34 29.54 8.83
CA LEU B 462 -14.22 28.59 8.92
C LEU B 462 -14.40 27.60 10.06
N LEU B 463 -15.12 28.01 11.10
CA LEU B 463 -15.19 27.24 12.32
C LEU B 463 -15.48 25.73 12.12
N PRO B 464 -16.55 25.33 11.43
CA PRO B 464 -16.84 23.90 11.33
C PRO B 464 -15.72 23.12 10.60
N HIS B 465 -15.01 23.77 9.68
CA HIS B 465 -13.90 23.11 8.97
C HIS B 465 -12.71 22.80 9.87
N LYS B 466 -12.59 23.55 10.97
CA LYS B 466 -11.46 23.44 11.89
C LYS B 466 -11.70 22.47 13.06
N VAL B 467 -12.93 22.00 13.21
CA VAL B 467 -13.29 21.11 14.31
C VAL B 467 -12.90 19.68 13.96
N PHE B 468 -12.35 18.96 14.94
CA PHE B 468 -12.02 17.54 14.79
C PHE B 468 -12.96 16.79 15.74
N GLU B 469 -13.80 15.92 15.20
CA GLU B 469 -14.76 15.19 16.03
C GLU B 469 -14.10 14.21 17.00
N GLY B 470 -12.94 13.70 16.63
CA GLY B 470 -12.22 12.75 17.47
C GLY B 470 -12.97 11.45 17.65
N ASN B 471 -12.73 10.79 18.78
CA ASN B 471 -13.32 9.46 19.07
C ASN B 471 -12.91 8.36 18.07
N ARG B 472 -11.70 8.48 17.52
CA ARG B 472 -11.19 7.52 16.54
C ARG B 472 -10.20 6.60 17.24
N PRO B 473 -10.52 5.30 17.31
CA PRO B 473 -9.74 4.36 18.13
C PRO B 473 -8.45 3.84 17.51
N THR B 474 -7.46 3.62 18.37
CA THR B 474 -6.17 3.08 17.95
C THR B 474 -5.62 2.07 18.96
N ASN B 475 -4.70 1.26 18.47
CA ASN B 475 -3.75 0.51 19.29
C ASN B 475 -2.39 1.16 19.11
N SER B 476 -1.61 1.22 20.19
CA SER B 476 -0.20 1.61 20.12
C SER B 476 0.65 0.43 20.56
N ILE B 477 1.53 -0.01 19.68
CA ILE B 477 2.40 -1.15 19.98
C ILE B 477 3.83 -0.61 19.95
N VAL B 478 4.44 -0.57 21.13
CA VAL B 478 5.76 0.03 21.31
C VAL B 478 6.70 -1.05 21.84
N PHE B 479 7.91 -1.09 21.31
CA PHE B 479 8.88 -2.13 21.68
C PHE B 479 10.28 -1.55 21.84
N THR B 480 11.11 -2.20 22.66
CA THR B 480 12.43 -1.65 22.99
C THR B 480 13.27 -1.24 21.76
N LYS B 481 13.36 -2.15 20.80
CA LYS B 481 14.19 -1.97 19.61
C LYS B 481 13.73 -3.00 18.60
N LEU B 482 13.82 -2.67 17.32
CA LEU B 482 13.48 -3.64 16.29
C LEU B 482 14.69 -4.52 15.94
N THR B 483 14.91 -5.51 16.81
CA THR B 483 15.95 -6.53 16.63
C THR B 483 15.32 -7.70 15.88
N PRO B 484 16.14 -8.64 15.39
CA PRO B 484 15.60 -9.88 14.82
C PRO B 484 14.62 -10.58 15.76
N PHE B 485 14.98 -10.73 17.04
CA PHE B 485 14.11 -11.39 18.01
C PHE B 485 12.75 -10.70 18.14
N ILE B 486 12.79 -9.38 18.34
CA ILE B 486 11.54 -8.63 18.54
C ILE B 486 10.67 -8.65 17.27
N LEU B 487 11.29 -8.49 16.10
CA LEU B 487 10.56 -8.66 14.83
C LEU B 487 9.85 -10.02 14.74
N GLY B 488 10.56 -11.09 15.07
CA GLY B 488 9.95 -12.41 15.09
C GLY B 488 8.72 -12.49 15.98
N ALA B 489 8.83 -11.93 17.18
CA ALA B 489 7.70 -11.86 18.11
C ALA B 489 6.51 -11.10 17.53
N LEU B 490 6.79 -9.96 16.90
CA LEU B 490 5.72 -9.15 16.30
C LEU B 490 4.99 -9.88 15.16
N ILE B 491 5.75 -10.53 14.26
CA ILE B 491 5.12 -11.25 13.15
C ILE B 491 4.24 -12.37 13.69
N ALA B 492 4.77 -13.14 14.64
CA ALA B 492 4.00 -14.24 15.22
C ALA B 492 2.72 -13.77 15.92
N MET B 493 2.79 -12.60 16.57
CA MET B 493 1.64 -12.02 17.24
C MET B 493 0.50 -11.80 16.27
N TYR B 494 0.81 -11.24 15.10
CA TYR B 494 -0.23 -11.00 14.11
C TYR B 494 -0.70 -12.29 13.45
N GLU B 495 0.20 -13.25 13.26
CA GLU B 495 -0.19 -14.60 12.80
C GLU B 495 -1.27 -15.18 13.73
N HIS B 496 -1.04 -15.10 15.03
CA HIS B 496 -2.01 -15.66 15.96
C HIS B 496 -3.30 -14.84 16.09
N LYS B 497 -3.24 -13.51 15.93
CA LYS B 497 -4.44 -12.69 15.82
C LYS B 497 -5.34 -13.18 14.67
N ILE B 498 -4.73 -13.42 13.51
CA ILE B 498 -5.43 -13.89 12.33
C ILE B 498 -6.10 -15.24 12.60
N PHE B 499 -5.37 -16.12 13.26
CA PHE B 499 -5.86 -17.45 13.61
C PHE B 499 -7.12 -17.36 14.49
N VAL B 500 -7.05 -16.53 15.52
CA VAL B 500 -8.18 -16.36 16.45
C VAL B 500 -9.43 -15.86 15.73
N GLN B 501 -9.29 -14.83 14.89
CA GLN B 501 -10.44 -14.32 14.14
C GLN B 501 -11.09 -15.38 13.24
N GLY B 502 -10.25 -16.16 12.54
CA GLY B 502 -10.72 -17.21 11.66
C GLY B 502 -11.58 -18.22 12.42
N ILE B 503 -11.10 -18.64 13.59
CA ILE B 503 -11.86 -19.60 14.43
C ILE B 503 -13.22 -19.03 14.81
N MET B 504 -13.23 -17.77 15.24
CA MET B 504 -14.46 -17.12 15.66
C MET B 504 -15.47 -16.96 14.51
N TRP B 505 -14.97 -16.71 13.31
CA TRP B 505 -15.82 -16.67 12.13
C TRP B 505 -16.23 -18.07 11.59
N ASP B 506 -15.63 -19.12 12.14
CA ASP B 506 -15.91 -20.50 11.70
C ASP B 506 -15.40 -20.80 10.28
N ILE B 507 -14.33 -20.11 9.87
CA ILE B 507 -13.78 -20.28 8.52
C ILE B 507 -12.42 -20.95 8.58
N ASN B 508 -11.90 -21.32 7.41
CA ASN B 508 -10.59 -21.92 7.31
C ASN B 508 -9.55 -20.87 6.94
N SER B 509 -8.73 -20.49 7.92
CA SER B 509 -7.68 -19.49 7.70
C SER B 509 -6.52 -19.98 6.83
N PHE B 510 -6.53 -21.26 6.46
CA PHE B 510 -5.32 -21.90 5.94
C PHE B 510 -5.37 -22.45 4.52
N ASP B 511 -6.53 -22.36 3.88
CA ASP B 511 -6.64 -22.67 2.46
C ASP B 511 -6.69 -21.39 1.59
N GLN B 512 -6.83 -21.55 0.28
CA GLN B 512 -6.92 -20.41 -0.65
C GLN B 512 -7.55 -20.82 -1.99
N TRP B 513 -8.78 -21.33 -1.90
CA TRP B 513 -9.49 -21.83 -3.08
C TRP B 513 -9.88 -20.70 -4.02
N GLY B 514 -9.84 -19.47 -3.51
CA GLY B 514 -10.26 -18.31 -4.28
C GLY B 514 -9.29 -17.81 -5.33
N VAL B 515 -8.08 -18.37 -5.37
CA VAL B 515 -7.13 -17.98 -6.43
C VAL B 515 -7.26 -18.86 -7.67
N GLU B 516 -8.09 -19.91 -7.59
CA GLU B 516 -8.12 -20.93 -8.66
C GLU B 516 -8.76 -20.44 -9.98
N LEU B 517 -9.88 -19.71 -9.89
CA LEU B 517 -10.61 -19.29 -11.08
C LEU B 517 -9.80 -18.39 -12.02
N GLY B 518 -9.09 -17.42 -11.44
CA GLY B 518 -8.27 -16.53 -12.25
C GLY B 518 -7.16 -17.28 -12.95
N LYS B 519 -6.61 -18.30 -12.29
CA LYS B 519 -5.54 -19.10 -12.87
C LYS B 519 -6.03 -19.88 -14.09
N GLN B 520 -7.22 -20.47 -13.97
CA GLN B 520 -7.83 -21.26 -15.04
C GLN B 520 -8.12 -20.38 -16.25
N LEU B 521 -8.72 -19.21 -16.01
CA LEU B 521 -9.07 -18.31 -17.09
C LEU B 521 -7.84 -17.71 -17.80
N ALA B 522 -6.74 -17.50 -17.05
CA ALA B 522 -5.51 -16.98 -17.67
C ALA B 522 -4.87 -17.99 -18.63
N LYS B 523 -4.85 -19.25 -18.20
CA LYS B 523 -4.34 -20.34 -19.03
C LYS B 523 -5.07 -20.45 -20.37
N LYS B 524 -6.38 -20.20 -20.37
CA LYS B 524 -7.18 -20.19 -21.60
C LYS B 524 -6.86 -18.99 -22.52
N ILE B 525 -6.64 -17.81 -21.93
CA ILE B 525 -6.41 -16.59 -22.73
C ILE B 525 -5.01 -16.52 -23.32
N GLU B 526 -4.01 -17.01 -22.59
CA GLU B 526 -2.62 -16.91 -23.03
C GLU B 526 -2.36 -17.27 -24.52
N PRO B 527 -2.75 -18.46 -24.99
CA PRO B 527 -2.56 -18.83 -26.39
C PRO B 527 -3.39 -18.01 -27.38
N GLU B 528 -4.50 -17.44 -26.94
CA GLU B 528 -5.36 -16.62 -27.82
C GLU B 528 -4.74 -15.29 -28.21
N LEU B 529 -3.76 -14.81 -27.45
CA LEU B 529 -3.14 -13.52 -27.70
C LEU B 529 -2.14 -13.56 -28.85
N GLU B 530 -1.56 -14.73 -29.09
CA GLU B 530 -0.46 -14.92 -30.06
C GLU B 530 -0.75 -14.39 -31.48
N GLY B 531 -1.73 -14.98 -32.16
CA GLY B 531 -1.91 -14.70 -33.57
C GLY B 531 -2.63 -13.40 -33.87
N SER B 532 -2.97 -13.22 -35.14
CA SER B 532 -3.61 -12.00 -35.61
C SER B 532 -5.15 -12.07 -35.59
N SER B 533 -5.70 -13.28 -35.47
CA SER B 533 -7.14 -13.46 -35.59
C SER B 533 -7.94 -12.85 -34.42
N ALA B 534 -9.16 -12.42 -34.72
CA ALA B 534 -10.06 -11.89 -33.71
C ALA B 534 -10.48 -12.98 -32.72
N VAL B 535 -10.50 -12.63 -31.44
CA VAL B 535 -10.95 -13.55 -30.39
C VAL B 535 -12.41 -13.22 -30.03
N THR B 536 -13.28 -14.23 -30.11
CA THR B 536 -14.71 -14.02 -29.86
C THR B 536 -15.28 -14.99 -28.83
N SER B 537 -14.40 -15.78 -28.21
CA SER B 537 -14.82 -16.87 -27.30
C SER B 537 -15.21 -16.44 -25.89
N HIS B 538 -15.09 -15.15 -25.59
CA HIS B 538 -15.45 -14.67 -24.25
C HIS B 538 -16.65 -13.74 -24.29
N ASP B 539 -16.94 -13.09 -23.16
CA ASP B 539 -17.88 -11.97 -23.11
C ASP B 539 -17.35 -10.80 -23.95
N SER B 540 -18.21 -9.84 -24.29
CA SER B 540 -17.83 -8.76 -25.22
C SER B 540 -16.74 -7.82 -24.69
N SER B 541 -16.64 -7.68 -23.37
CA SER B 541 -15.56 -6.87 -22.78
C SER B 541 -14.18 -7.55 -22.97
N THR B 542 -14.07 -8.79 -22.51
CA THR B 542 -12.82 -9.53 -22.69
C THR B 542 -12.41 -9.55 -24.19
N ASN B 543 -13.38 -9.86 -25.05
CA ASN B 543 -13.12 -9.83 -26.49
C ASN B 543 -12.66 -8.46 -26.97
N GLY B 544 -13.31 -7.39 -26.52
CA GLY B 544 -13.00 -6.04 -26.96
C GLY B 544 -11.63 -5.57 -26.48
N LEU B 545 -11.30 -5.97 -25.26
CA LEU B 545 -9.99 -5.62 -24.69
C LEU B 545 -8.88 -6.32 -25.49
N ILE B 546 -9.10 -7.59 -25.82
CA ILE B 546 -8.14 -8.35 -26.66
C ILE B 546 -8.00 -7.73 -28.05
N SER B 547 -9.11 -7.29 -28.65
CA SER B 547 -9.07 -6.60 -29.94
C SER B 547 -8.21 -5.33 -29.91
N PHE B 548 -8.34 -4.58 -28.84
CA PHE B 548 -7.55 -3.37 -28.65
C PHE B 548 -6.04 -3.70 -28.52
N ILE B 549 -5.72 -4.73 -27.74
CA ILE B 549 -4.35 -5.21 -27.59
C ILE B 549 -3.75 -5.61 -28.96
N LYS B 550 -4.52 -6.38 -29.73
CA LYS B 550 -3.99 -6.84 -31.02
C LYS B 550 -3.80 -5.67 -31.99
N GLN B 551 -4.70 -4.70 -31.95
CA GLN B 551 -4.55 -3.51 -32.80
C GLN B 551 -3.41 -2.58 -32.40
N GLN B 552 -3.20 -2.41 -31.10
CA GLN B 552 -2.27 -1.40 -30.60
C GLN B 552 -0.85 -1.91 -30.44
N ARG B 553 -0.64 -3.21 -30.48
CA ARG B 553 0.71 -3.70 -30.24
C ARG B 553 1.69 -3.38 -31.37
N ASP B 554 1.14 -3.07 -32.55
CA ASP B 554 1.92 -2.74 -33.74
C ASP B 554 2.30 -1.26 -33.83
N THR B 555 1.47 -0.40 -33.22
CA THR B 555 1.60 1.06 -33.35
C THR B 555 3.00 1.56 -32.98
N LYS B 556 3.57 2.38 -33.87
CA LYS B 556 4.86 3.00 -33.64
C LYS B 556 4.69 4.40 -33.06
N LEU B 557 5.25 4.63 -31.87
CA LEU B 557 5.21 5.93 -31.23
C LEU B 557 6.59 6.60 -31.21
#